data_8RDY
#
_entry.id   8RDY
#
_cell.length_a   1.00
_cell.length_b   1.00
_cell.length_c   1.00
_cell.angle_alpha   90.00
_cell.angle_beta   90.00
_cell.angle_gamma   90.00
#
_symmetry.space_group_name_H-M   'P 1'
#
loop_
_entity.id
_entity.type
_entity.pdbx_description
1 polymer 'Pre-mRNA-splicing factor ATP-dependent RNA helicase PRP43'
2 polymer 'Glutathione S-transferase class-mu 26 kDa isozyme,Protein PXR1'
3 non-polymer "ADENOSINE-5'-DIPHOSPHATE"
4 non-polymer 'MAGNESIUM ION'
#
loop_
_entity_poly.entity_id
_entity_poly.type
_entity_poly.pdbx_seq_one_letter_code
_entity_poly.pdbx_strand_id
1 'polypeptide(L)'
;MAHHHHHHSAALEVLFQGPGYQDPNSVQALARPTSVDMGSKRRFSSEHPDPVETSIPEQAAEIAEELSKQHPLPSEEPLV
HHDAGEFKGLQRHHTSAEEAQKLEDGKINPFTGREFTPKYVDILKIRRELPVHAQRDEFLKLYQNNQIMVFVGETGSGKT
TQIPQFVLFDEMPHLENTQVACTQPRRVAAMSVAQRVAEEMDVKLGEEVGYSIRFENKTSNKTILKYMTDGMLLREAMED
HDLSRYSCIILDEAHERTLATDILMGLLKQVVKRRPDLKIIIMSATLDAEKFQRYFNDAPLLAVPGRTYPVELYYTPEFQ
RDYLDSAIRTVLQIHATEEAGDILLFLTGEDEIEDAVRKISLEGDQLVREEGCGPLSVYPLYGSLPPHQQQRIFEPAPES
HNGRPGRKVVISTNIAETSLTIDGIVYVVDPGFSKQKVYNPRIRVESLLVSPISKASAQQRAGRAGRTRPGKCFRLYTEE
AFQKELIEQSYPEILRSNLSSTVLELKKLGIDDLVHFDFMDPPAPETMMRALEELNYLACLDDEGNLTPLGRLASQFPLD
PMLAVMLIGSFEFQCSQEILTIVAMLSVPNVFIRPTKDKKRADDAKNIFAHPDGDHITLLNVYHAFKSDEAYEYGIHKWC
RDHYLNYRSLSAADNIRSQLERLMNRYNLELNTTDYESPKYFDNIRKALASGFFMQVAKKRSGAKGYITVKDNQDVLIHP
STVLGHDAEWVIYNEFVLTSKNYIRTVTSVRPEWLIEIAPAYYDLSNFQKGDVKLSLERIKEKVDRLNELKQGKNKKKSK
HSKK
;
A
2 'polypeptide(L)'
;MSPILGYWKIKGLVQPTRLLLEYLEEKYEEHLYERDEGDKWRNKKFELGLEFPNLPYYIDGDVKLTQSMAIIRYIADKHN
MLGGCPKERAEISMLEGAVLDIRYGVSRIAYSKDFETLKVDFLSKLPEMLKMFEDRLCHKTYLNGDHVTHPDFMLYDALD
VVLYMDPMCLDAFPKLVCFKKRIEAIPQIDKYLKSSKYIAWPLQGWQATFGGGDHPPKSDLEVLFQGPLGSMGLAATRTK
QRFGLDPRNTAWSNDTSRFGHQFLEKFGWKPGMGLGLSPMNSNTSHIKVSIKDDNVGLGAKLKRKDKKDEFDNGECAGLD
VFQRILGRLNGKESKISEELDTQRKQKIIDGKWGIHFVKGEVLASTWD
;
B
#
# COMPACT_ATOMS: atom_id res chain seq x y z
N GLY A 89 -45.76 -9.75 -2.48
CA GLY A 89 -45.19 -8.65 -3.23
C GLY A 89 -43.68 -8.74 -3.33
N LEU A 90 -42.99 -8.12 -2.36
CA LEU A 90 -41.54 -8.11 -2.28
C LEU A 90 -41.12 -8.86 -1.03
N GLN A 91 -40.26 -9.86 -1.19
CA GLN A 91 -39.80 -10.70 -0.09
C GLN A 91 -38.31 -10.50 0.11
N ARG A 92 -37.91 -10.31 1.38
CA ARG A 92 -36.50 -10.13 1.69
C ARG A 92 -35.77 -11.46 1.58
N HIS A 93 -34.61 -11.43 0.93
CA HIS A 93 -33.76 -12.61 0.74
C HIS A 93 -34.45 -13.69 -0.09
N HIS A 94 -35.55 -13.33 -0.78
CA HIS A 94 -36.27 -14.30 -1.60
C HIS A 94 -36.69 -13.73 -2.95
N THR A 95 -36.14 -12.59 -3.36
CA THR A 95 -36.47 -12.03 -4.65
C THR A 95 -35.85 -12.87 -5.77
N SER A 96 -36.06 -12.44 -7.00
CA SER A 96 -35.56 -13.14 -8.17
C SER A 96 -34.99 -12.13 -9.15
N ALA A 97 -34.22 -12.64 -10.11
CA ALA A 97 -33.63 -11.76 -11.12
C ALA A 97 -34.70 -11.06 -11.94
N GLU A 98 -35.76 -11.78 -12.30
CA GLU A 98 -36.81 -11.18 -13.13
C GLU A 98 -37.52 -10.05 -12.40
N GLU A 99 -37.84 -10.24 -11.13
CA GLU A 99 -38.52 -9.19 -10.36
C GLU A 99 -37.65 -7.95 -10.26
N ALA A 100 -36.36 -8.13 -9.98
CA ALA A 100 -35.46 -6.99 -9.87
C ALA A 100 -35.33 -6.28 -11.21
N GLN A 101 -35.20 -7.04 -12.30
CA GLN A 101 -35.11 -6.42 -13.62
C GLN A 101 -36.37 -5.63 -13.94
N LYS A 102 -37.54 -6.18 -13.62
CA LYS A 102 -38.78 -5.46 -13.88
C LYS A 102 -38.88 -4.19 -13.04
N LEU A 103 -38.48 -4.27 -11.76
CA LEU A 103 -38.53 -3.09 -10.91
C LEU A 103 -37.54 -2.02 -11.35
N GLU A 104 -36.44 -2.43 -11.98
CA GLU A 104 -35.44 -1.46 -12.43
C GLU A 104 -36.04 -0.51 -13.47
N ASP A 105 -36.83 -1.05 -14.40
CA ASP A 105 -37.37 -0.25 -15.48
C ASP A 105 -38.57 0.61 -15.09
N GLY A 106 -39.06 0.47 -13.85
CA GLY A 106 -40.20 1.27 -13.44
C GLY A 106 -39.88 2.76 -13.47
N LYS A 107 -40.91 3.56 -13.76
CA LYS A 107 -40.75 5.00 -13.87
C LYS A 107 -40.38 5.65 -12.55
N ILE A 108 -40.50 4.96 -11.42
CA ILE A 108 -40.25 5.51 -10.10
C ILE A 108 -39.04 4.81 -9.51
N ASN A 109 -38.08 5.59 -9.03
CA ASN A 109 -36.88 5.02 -8.42
C ASN A 109 -37.24 4.42 -7.05
N PRO A 110 -37.07 3.12 -6.83
CA PRO A 110 -37.52 2.54 -5.56
C PRO A 110 -36.82 3.12 -4.34
N PHE A 111 -35.55 3.47 -4.45
CA PHE A 111 -34.78 3.84 -3.27
C PHE A 111 -35.13 5.22 -2.74
N THR A 112 -35.60 6.12 -3.60
CA THR A 112 -35.87 7.50 -3.20
C THR A 112 -37.27 7.99 -3.57
N GLY A 113 -37.92 7.42 -4.57
CA GLY A 113 -39.24 7.85 -4.96
C GLY A 113 -39.30 9.01 -5.91
N ARG A 114 -38.17 9.42 -6.47
CA ARG A 114 -38.14 10.50 -7.45
C ARG A 114 -38.30 9.92 -8.86
N GLU A 115 -38.18 10.79 -9.86
CA GLU A 115 -38.33 10.39 -11.26
C GLU A 115 -36.98 9.99 -11.84
N PHE A 116 -37.00 8.95 -12.66
CA PHE A 116 -35.78 8.52 -13.35
C PHE A 116 -35.45 9.48 -14.48
N THR A 117 -34.17 9.73 -14.65
CA THR A 117 -33.67 10.59 -15.71
C THR A 117 -33.36 9.75 -16.96
N PRO A 118 -33.44 10.33 -18.16
CA PRO A 118 -33.01 9.56 -19.34
C PRO A 118 -31.56 9.11 -19.26
N LYS A 119 -30.71 9.87 -18.57
CA LYS A 119 -29.33 9.44 -18.39
C LYS A 119 -29.27 8.07 -17.74
N TYR A 120 -30.12 7.82 -16.75
CA TYR A 120 -30.15 6.51 -16.11
C TYR A 120 -30.55 5.43 -17.10
N VAL A 121 -31.53 5.70 -17.95
CA VAL A 121 -31.97 4.70 -18.92
C VAL A 121 -30.82 4.35 -19.87
N ASP A 122 -30.13 5.38 -20.38
CA ASP A 122 -29.02 5.14 -21.28
C ASP A 122 -27.91 4.36 -20.58
N ILE A 123 -27.59 4.73 -19.33
CA ILE A 123 -26.54 4.02 -18.60
C ILE A 123 -26.93 2.57 -18.38
N LEU A 124 -28.21 2.33 -18.08
CA LEU A 124 -28.69 0.96 -17.90
C LEU A 124 -28.53 0.16 -19.19
N LYS A 125 -28.89 0.76 -20.32
CA LYS A 125 -28.70 0.06 -21.59
C LYS A 125 -27.24 -0.28 -21.81
N ILE A 126 -26.35 0.68 -21.52
CA ILE A 126 -24.92 0.43 -21.75
C ILE A 126 -24.40 -0.67 -20.83
N ARG A 127 -24.80 -0.65 -19.56
CA ARG A 127 -24.21 -1.54 -18.57
C ARG A 127 -24.89 -2.91 -18.49
N ARG A 128 -26.04 -3.10 -19.15
CA ARG A 128 -26.69 -4.39 -19.10
C ARG A 128 -25.96 -5.47 -19.87
N GLU A 129 -24.93 -5.12 -20.63
CA GLU A 129 -24.21 -6.08 -21.46
C GLU A 129 -23.03 -6.74 -20.73
N LEU A 130 -22.76 -6.36 -19.48
CA LEU A 130 -21.61 -6.91 -18.78
C LEU A 130 -21.83 -8.38 -18.46
N PRO A 131 -20.76 -9.16 -18.29
CA PRO A 131 -20.92 -10.59 -18.04
C PRO A 131 -21.73 -10.92 -16.79
N VAL A 132 -21.61 -10.11 -15.73
CA VAL A 132 -22.22 -10.47 -14.46
C VAL A 132 -23.74 -10.50 -14.58
N HIS A 133 -24.31 -9.65 -15.43
CA HIS A 133 -25.77 -9.62 -15.55
C HIS A 133 -26.31 -10.94 -16.07
N ALA A 134 -25.53 -11.64 -16.88
CA ALA A 134 -25.97 -12.95 -17.37
C ALA A 134 -26.14 -13.94 -16.22
N GLN A 135 -25.22 -13.93 -15.26
CA GLN A 135 -25.24 -14.86 -14.14
C GLN A 135 -26.02 -14.32 -12.95
N ARG A 136 -26.53 -13.09 -13.02
CA ARG A 136 -27.31 -12.50 -11.93
C ARG A 136 -28.21 -13.52 -11.24
N ASP A 137 -28.93 -14.34 -12.01
CA ASP A 137 -29.85 -15.29 -11.41
C ASP A 137 -29.11 -16.35 -10.59
N GLU A 138 -28.00 -16.86 -11.13
CA GLU A 138 -27.21 -17.84 -10.39
C GLU A 138 -26.64 -17.22 -9.12
N PHE A 139 -26.17 -15.98 -9.21
CA PHE A 139 -25.66 -15.29 -8.04
C PHE A 139 -26.74 -15.12 -6.98
N LEU A 140 -27.96 -14.78 -7.42
CA LEU A 140 -29.07 -14.65 -6.47
C LEU A 140 -29.37 -15.98 -5.82
N LYS A 141 -29.37 -17.06 -6.59
CA LYS A 141 -29.59 -18.39 -6.02
C LYS A 141 -28.53 -18.74 -5.00
N LEU A 142 -27.27 -18.37 -5.24
CA LEU A 142 -26.19 -18.65 -4.31
C LEU A 142 -26.23 -17.78 -3.06
N TYR A 143 -26.56 -16.51 -3.21
CA TYR A 143 -26.52 -15.55 -2.10
C TYR A 143 -27.62 -15.77 -1.08
N GLN A 144 -28.63 -16.59 -1.39
CA GLN A 144 -29.75 -16.80 -0.49
C GLN A 144 -29.61 -18.04 0.38
N ASN A 145 -28.90 -19.06 -0.10
CA ASN A 145 -28.76 -20.32 0.62
C ASN A 145 -27.41 -20.46 1.31
N ASN A 146 -26.64 -19.38 1.42
CA ASN A 146 -25.31 -19.46 2.02
C ASN A 146 -24.99 -18.14 2.70
N GLN A 147 -24.04 -18.19 3.62
CA GLN A 147 -23.59 -17.00 4.35
C GLN A 147 -22.32 -16.40 3.77
N ILE A 148 -21.35 -17.22 3.38
CA ILE A 148 -20.11 -16.76 2.79
C ILE A 148 -19.96 -17.42 1.42
N MET A 149 -19.67 -16.62 0.41
CA MET A 149 -19.45 -17.13 -0.93
C MET A 149 -18.28 -16.39 -1.57
N VAL A 150 -17.66 -17.04 -2.54
CA VAL A 150 -16.52 -16.49 -3.26
C VAL A 150 -16.93 -16.24 -4.71
N PHE A 151 -16.78 -15.01 -5.17
CA PHE A 151 -17.15 -14.61 -6.51
C PHE A 151 -15.89 -14.17 -7.24
N VAL A 152 -15.34 -15.05 -8.08
CA VAL A 152 -14.11 -14.78 -8.82
C VAL A 152 -14.45 -14.48 -10.26
N GLY A 153 -13.83 -13.43 -10.80
CA GLY A 153 -14.03 -13.06 -12.19
C GLY A 153 -12.91 -12.19 -12.68
N GLU A 154 -12.62 -12.30 -13.97
CA GLU A 154 -11.57 -11.51 -14.57
C GLU A 154 -11.88 -10.02 -14.45
N THR A 155 -10.83 -9.21 -14.35
CA THR A 155 -11.02 -7.77 -14.20
C THR A 155 -11.80 -7.21 -15.38
N GLY A 156 -12.70 -6.29 -15.09
CA GLY A 156 -13.58 -5.72 -16.09
C GLY A 156 -14.92 -6.39 -16.21
N SER A 157 -15.17 -7.48 -15.48
CA SER A 157 -16.44 -8.17 -15.54
C SER A 157 -17.57 -7.36 -14.92
N GLY A 158 -17.28 -6.28 -14.22
CA GLY A 158 -18.31 -5.50 -13.56
C GLY A 158 -18.73 -6.13 -12.24
N LYS A 159 -17.78 -6.27 -11.32
CA LYS A 159 -18.04 -6.83 -10.01
C LYS A 159 -18.23 -5.77 -8.93
N THR A 160 -17.33 -4.78 -8.89
CA THR A 160 -17.42 -3.76 -7.86
C THR A 160 -18.61 -2.83 -8.06
N THR A 161 -18.97 -2.54 -9.30
CA THR A 161 -20.04 -1.58 -9.58
C THR A 161 -21.41 -2.23 -9.76
N GLN A 162 -21.49 -3.56 -9.80
CA GLN A 162 -22.75 -4.24 -10.06
C GLN A 162 -23.21 -5.08 -8.87
N ILE A 163 -22.37 -5.95 -8.34
CA ILE A 163 -22.76 -6.89 -7.29
C ILE A 163 -23.38 -6.15 -6.12
N PRO A 164 -22.84 -5.01 -5.69
CA PRO A 164 -23.51 -4.26 -4.61
C PRO A 164 -24.94 -3.89 -4.94
N GLN A 165 -25.23 -3.56 -6.20
CA GLN A 165 -26.61 -3.26 -6.58
C GLN A 165 -27.48 -4.50 -6.48
N PHE A 166 -26.97 -5.65 -6.90
CA PHE A 166 -27.73 -6.89 -6.75
C PHE A 166 -28.04 -7.15 -5.28
N VAL A 167 -27.06 -6.96 -4.41
CA VAL A 167 -27.28 -7.16 -2.98
C VAL A 167 -28.32 -6.19 -2.47
N LEU A 168 -28.25 -4.93 -2.90
CA LEU A 168 -29.24 -3.95 -2.45
C LEU A 168 -30.64 -4.35 -2.85
N PHE A 169 -30.81 -4.83 -4.08
CA PHE A 169 -32.14 -5.24 -4.53
C PHE A 169 -32.62 -6.48 -3.79
N ASP A 170 -31.71 -7.39 -3.43
CA ASP A 170 -32.10 -8.59 -2.71
C ASP A 170 -32.28 -8.36 -1.21
N GLU A 171 -31.82 -7.23 -0.68
CA GLU A 171 -31.82 -6.97 0.75
C GLU A 171 -32.83 -5.93 1.20
N MET A 172 -33.00 -4.86 0.43
CA MET A 172 -33.88 -3.75 0.82
C MET A 172 -33.44 -3.20 2.17
N PRO A 173 -32.21 -2.68 2.27
CA PRO A 173 -31.73 -2.24 3.59
C PRO A 173 -32.53 -1.09 4.18
N HIS A 174 -33.11 -0.22 3.35
CA HIS A 174 -33.79 0.96 3.90
C HIS A 174 -35.02 0.60 4.74
N LEU A 175 -35.50 -0.64 4.67
CA LEU A 175 -36.60 -1.10 5.51
C LEU A 175 -36.12 -1.70 6.83
N GLU A 176 -34.81 -1.73 7.09
CA GLU A 176 -34.31 -2.26 8.34
C GLU A 176 -33.18 -1.41 8.93
N ASN A 177 -32.91 -0.24 8.38
CA ASN A 177 -31.89 0.66 8.93
C ASN A 177 -30.53 -0.01 8.98
N THR A 178 -30.13 -0.60 7.86
CA THR A 178 -28.83 -1.23 7.72
C THR A 178 -28.22 -0.84 6.38
N GLN A 179 -26.90 -0.92 6.29
CA GLN A 179 -26.16 -0.53 5.11
C GLN A 179 -25.45 -1.73 4.50
N VAL A 180 -24.76 -1.49 3.38
CA VAL A 180 -23.93 -2.48 2.71
C VAL A 180 -22.57 -1.84 2.48
N ALA A 181 -21.51 -2.51 2.94
CA ALA A 181 -20.17 -1.96 2.90
C ALA A 181 -19.31 -2.78 1.96
N CYS A 182 -18.70 -2.10 0.98
CA CYS A 182 -17.76 -2.72 0.04
C CYS A 182 -16.39 -2.13 0.30
N THR A 183 -15.41 -2.99 0.56
CA THR A 183 -14.09 -2.55 0.98
C THR A 183 -13.14 -2.55 -0.21
N GLN A 184 -12.57 -1.39 -0.52
CA GLN A 184 -11.63 -1.23 -1.61
C GLN A 184 -10.24 -0.95 -1.04
N PRO A 185 -9.21 -1.74 -1.36
CA PRO A 185 -7.89 -1.45 -0.80
C PRO A 185 -7.35 -0.08 -1.13
N ARG A 186 -7.68 0.46 -2.30
CA ARG A 186 -7.09 1.70 -2.78
C ARG A 186 -8.09 2.84 -2.70
N ARG A 187 -7.63 3.99 -2.20
CA ARG A 187 -8.52 5.14 -2.03
C ARG A 187 -9.06 5.63 -3.36
N VAL A 188 -8.21 5.73 -4.38
CA VAL A 188 -8.65 6.24 -5.68
C VAL A 188 -9.76 5.36 -6.24
N ALA A 189 -9.58 4.04 -6.16
CA ALA A 189 -10.60 3.13 -6.65
C ALA A 189 -11.90 3.32 -5.88
N ALA A 190 -11.82 3.45 -4.57
CA ALA A 190 -13.02 3.63 -3.76
C ALA A 190 -13.78 4.88 -4.21
N MET A 191 -13.09 6.01 -4.31
CA MET A 191 -13.78 7.25 -4.67
C MET A 191 -14.37 7.17 -6.08
N SER A 192 -13.59 6.70 -7.04
CA SER A 192 -14.07 6.64 -8.42
C SER A 192 -15.27 5.71 -8.55
N VAL A 193 -15.20 4.54 -7.91
CA VAL A 193 -16.30 3.59 -8.02
C VAL A 193 -17.53 4.12 -7.30
N ALA A 194 -17.35 4.81 -6.18
CA ALA A 194 -18.49 5.40 -5.50
C ALA A 194 -19.19 6.41 -6.40
N GLN A 195 -18.41 7.26 -7.05
CA GLN A 195 -19.02 8.25 -7.96
C GLN A 195 -19.74 7.56 -9.12
N ARG A 196 -19.12 6.52 -9.69
CA ARG A 196 -19.77 5.81 -10.78
C ARG A 196 -21.08 5.18 -10.34
N VAL A 197 -21.10 4.56 -9.16
CA VAL A 197 -22.32 3.90 -8.70
C VAL A 197 -23.39 4.94 -8.39
N ALA A 198 -22.99 6.10 -7.85
CA ALA A 198 -23.95 7.17 -7.66
C ALA A 198 -24.58 7.59 -8.97
N GLU A 199 -23.77 7.70 -10.02
CA GLU A 199 -24.32 8.02 -11.33
C GLU A 199 -25.26 6.93 -11.82
N GLU A 200 -24.88 5.66 -11.64
CA GLU A 200 -25.65 4.56 -12.21
C GLU A 200 -27.05 4.47 -11.63
N MET A 201 -27.18 4.63 -10.31
CA MET A 201 -28.46 4.48 -9.65
C MET A 201 -29.31 5.75 -9.72
N ASP A 202 -28.81 6.81 -10.33
CA ASP A 202 -29.54 8.07 -10.46
C ASP A 202 -29.91 8.62 -9.08
N VAL A 203 -28.90 8.72 -8.21
CA VAL A 203 -29.06 9.30 -6.89
C VAL A 203 -27.82 10.12 -6.56
N LYS A 204 -28.04 11.29 -5.98
CA LYS A 204 -26.94 12.18 -5.62
C LYS A 204 -25.95 11.47 -4.71
N LEU A 205 -24.66 11.63 -4.99
CA LEU A 205 -23.64 11.04 -4.14
C LEU A 205 -23.64 11.71 -2.78
N GLY A 206 -23.46 10.90 -1.75
CA GLY A 206 -23.48 11.36 -0.38
C GLY A 206 -24.81 11.17 0.32
N GLU A 207 -25.89 10.98 -0.44
CA GLU A 207 -27.21 10.75 0.14
C GLU A 207 -27.50 9.26 0.28
N GLU A 208 -27.51 8.53 -0.84
CA GLU A 208 -27.75 7.09 -0.83
C GLU A 208 -26.46 6.30 -0.87
N VAL A 209 -25.61 6.55 -1.87
CA VAL A 209 -24.33 5.88 -2.01
C VAL A 209 -23.23 6.88 -1.72
N GLY A 210 -22.32 6.53 -0.83
CA GLY A 210 -21.22 7.39 -0.46
C GLY A 210 -19.94 6.60 -0.30
N TYR A 211 -18.89 7.30 0.11
CA TYR A 211 -17.61 6.68 0.35
C TYR A 211 -17.05 7.17 1.68
N SER A 212 -16.11 6.41 2.23
CA SER A 212 -15.53 6.70 3.54
C SER A 212 -14.03 6.45 3.48
N ILE A 213 -13.25 7.53 3.35
CA ILE A 213 -11.79 7.47 3.38
C ILE A 213 -11.32 8.27 4.58
N ARG A 214 -10.08 8.00 4.99
CA ARG A 214 -9.49 8.73 6.10
C ARG A 214 -9.40 10.21 5.77
N PHE A 215 -10.01 11.04 6.62
CA PHE A 215 -10.11 12.49 6.48
C PHE A 215 -11.14 12.90 5.44
N GLU A 216 -11.81 11.96 4.78
CA GLU A 216 -12.86 12.26 3.81
C GLU A 216 -14.01 11.29 4.06
N ASN A 217 -15.07 11.78 4.69
CA ASN A 217 -16.25 10.99 5.00
C ASN A 217 -17.44 11.60 4.26
N LYS A 218 -17.62 11.16 3.01
CA LYS A 218 -18.70 11.66 2.17
C LYS A 218 -19.87 10.70 2.28
N THR A 219 -20.70 10.92 3.29
CA THR A 219 -21.87 10.08 3.54
C THR A 219 -22.81 10.86 4.45
N SER A 220 -24.01 10.33 4.65
CA SER A 220 -25.02 10.99 5.46
C SER A 220 -25.88 9.93 6.13
N ASN A 221 -26.93 10.36 6.82
CA ASN A 221 -27.80 9.42 7.53
C ASN A 221 -28.70 8.62 6.60
N LYS A 222 -28.82 9.03 5.35
CA LYS A 222 -29.64 8.29 4.38
C LYS A 222 -28.84 7.28 3.58
N THR A 223 -27.53 7.15 3.84
CA THR A 223 -26.70 6.27 3.04
C THR A 223 -27.17 4.83 3.17
N ILE A 224 -27.17 4.11 2.04
CA ILE A 224 -27.63 2.73 2.00
C ILE A 224 -26.50 1.83 1.52
N LEU A 225 -25.59 2.41 0.73
CA LEU A 225 -24.42 1.69 0.22
C LEU A 225 -23.19 2.56 0.47
N LYS A 226 -22.10 1.94 0.93
CA LYS A 226 -20.91 2.69 1.32
C LYS A 226 -19.68 1.99 0.80
N TYR A 227 -18.84 2.71 0.05
CA TYR A 227 -17.56 2.21 -0.43
C TYR A 227 -16.47 2.79 0.46
N MET A 228 -15.82 1.92 1.23
CA MET A 228 -14.89 2.35 2.27
C MET A 228 -13.58 1.61 2.15
N THR A 229 -12.49 2.28 2.49
CA THR A 229 -11.19 1.64 2.49
C THR A 229 -11.13 0.61 3.61
N ASP A 230 -10.44 -0.51 3.34
CA ASP A 230 -10.39 -1.60 4.32
C ASP A 230 -9.85 -1.11 5.65
N GLY A 231 -8.92 -0.17 5.63
CA GLY A 231 -8.44 0.42 6.89
C GLY A 231 -9.55 1.10 7.66
N MET A 232 -10.42 1.82 6.97
CA MET A 232 -11.52 2.49 7.64
C MET A 232 -12.49 1.49 8.26
N LEU A 233 -12.78 0.39 7.54
CA LEU A 233 -13.66 -0.62 8.11
C LEU A 233 -13.00 -1.30 9.30
N LEU A 234 -11.68 -1.48 9.25
CA LEU A 234 -10.99 -2.03 10.41
C LEU A 234 -11.09 -1.10 11.61
N ARG A 235 -10.95 0.21 11.38
CA ARG A 235 -11.13 1.16 12.46
C ARG A 235 -12.54 1.11 13.03
N GLU A 236 -13.54 1.03 12.15
CA GLU A 236 -14.92 0.93 12.62
C GLU A 236 -15.12 -0.33 13.45
N ALA A 237 -14.54 -1.45 13.02
CA ALA A 237 -14.60 -2.66 13.82
C ALA A 237 -13.94 -2.46 15.17
N MET A 238 -12.84 -1.71 15.21
CA MET A 238 -12.22 -1.39 16.49
C MET A 238 -13.19 -0.63 17.39
N GLU A 239 -13.92 0.34 16.83
CA GLU A 239 -14.89 1.06 17.63
C GLU A 239 -16.11 0.19 17.95
N ASP A 240 -16.63 -0.54 16.97
CA ASP A 240 -17.81 -1.39 17.11
C ASP A 240 -17.43 -2.81 16.69
N HIS A 241 -17.20 -3.69 17.66
CA HIS A 241 -16.65 -5.01 17.36
C HIS A 241 -17.60 -5.82 16.49
N ASP A 242 -18.90 -5.76 16.77
CA ASP A 242 -19.85 -6.64 16.11
C ASP A 242 -20.29 -6.15 14.73
N LEU A 243 -19.91 -4.94 14.34
CA LEU A 243 -20.35 -4.37 13.07
C LEU A 243 -21.87 -4.46 12.96
N SER A 244 -22.55 -3.98 14.00
CA SER A 244 -24.00 -4.11 14.07
C SER A 244 -24.71 -3.24 13.03
N ARG A 245 -24.02 -2.28 12.43
CA ARG A 245 -24.65 -1.38 11.48
C ARG A 245 -24.66 -1.92 10.06
N TYR A 246 -23.92 -3.01 9.79
CA TYR A 246 -23.80 -3.55 8.44
C TYR A 246 -24.55 -4.88 8.34
N SER A 247 -25.28 -5.06 7.24
CA SER A 247 -25.96 -6.31 6.96
C SER A 247 -25.17 -7.20 5.99
N CYS A 248 -24.48 -6.60 5.02
CA CYS A 248 -23.60 -7.31 4.11
C CYS A 248 -22.27 -6.59 4.01
N ILE A 249 -21.18 -7.36 3.98
CA ILE A 249 -19.83 -6.84 3.87
C ILE A 249 -19.15 -7.53 2.70
N ILE A 250 -18.72 -6.75 1.72
CA ILE A 250 -18.11 -7.27 0.50
C ILE A 250 -16.63 -6.92 0.53
N LEU A 251 -15.78 -7.93 0.44
CA LEU A 251 -14.33 -7.74 0.42
C LEU A 251 -13.88 -7.81 -1.03
N ASP A 252 -13.54 -6.67 -1.61
CA ASP A 252 -13.12 -6.59 -2.99
C ASP A 252 -11.60 -6.72 -3.09
N GLU A 253 -11.14 -7.15 -4.27
CA GLU A 253 -9.72 -7.28 -4.55
C GLU A 253 -9.01 -8.08 -3.46
N ALA A 254 -9.61 -9.23 -3.13
CA ALA A 254 -9.03 -10.11 -2.12
C ALA A 254 -7.71 -10.73 -2.57
N HIS A 255 -7.38 -10.67 -3.86
CA HIS A 255 -6.15 -11.24 -4.34
C HIS A 255 -4.93 -10.38 -4.03
N GLU A 256 -5.13 -9.09 -3.69
CA GLU A 256 -4.00 -8.24 -3.36
C GLU A 256 -3.34 -8.67 -2.05
N ARG A 257 -4.13 -9.23 -1.12
CA ARG A 257 -3.60 -9.79 0.11
C ARG A 257 -2.85 -8.73 0.94
N THR A 258 -3.49 -7.57 1.10
CA THR A 258 -2.94 -6.56 1.99
C THR A 258 -3.10 -6.99 3.44
N LEU A 259 -2.50 -6.21 4.34
CA LEU A 259 -2.56 -6.54 5.76
C LEU A 259 -3.98 -6.34 6.30
N ALA A 260 -4.59 -5.19 5.99
CA ALA A 260 -5.93 -4.92 6.49
C ALA A 260 -6.92 -5.95 5.98
N THR A 261 -6.79 -6.35 4.71
CA THR A 261 -7.68 -7.36 4.16
C THR A 261 -7.52 -8.69 4.91
N ASP A 262 -6.29 -9.08 5.21
CA ASP A 262 -6.07 -10.33 5.93
C ASP A 262 -6.69 -10.28 7.32
N ILE A 263 -6.48 -9.18 8.04
CA ILE A 263 -7.06 -9.07 9.38
C ILE A 263 -8.58 -9.08 9.29
N LEU A 264 -9.14 -8.42 8.27
CA LEU A 264 -10.59 -8.38 8.12
C LEU A 264 -11.15 -9.78 7.86
N MET A 265 -10.49 -10.55 6.99
CA MET A 265 -10.95 -11.91 6.76
C MET A 265 -10.89 -12.74 8.04
N GLY A 266 -9.77 -12.66 8.76
CA GLY A 266 -9.63 -13.41 9.98
C GLY A 266 -10.68 -13.04 11.01
N LEU A 267 -11.04 -11.75 11.07
CA LEU A 267 -12.04 -11.30 12.03
C LEU A 267 -13.45 -11.71 11.61
N LEU A 268 -13.76 -11.61 10.32
CA LEU A 268 -15.11 -11.92 9.87
C LEU A 268 -15.40 -13.41 9.95
N LYS A 269 -14.38 -14.25 9.69
CA LYS A 269 -14.60 -15.68 9.81
C LYS A 269 -15.12 -16.06 11.18
N GLN A 270 -14.76 -15.28 12.21
CA GLN A 270 -15.25 -15.51 13.56
C GLN A 270 -16.51 -14.71 13.87
N VAL A 271 -16.63 -13.50 13.32
CA VAL A 271 -17.80 -12.67 13.59
C VAL A 271 -19.05 -13.35 13.06
N VAL A 272 -18.95 -14.04 11.92
CA VAL A 272 -20.13 -14.66 11.32
C VAL A 272 -20.78 -15.62 12.31
N LYS A 273 -19.99 -16.25 13.18
CA LYS A 273 -20.57 -17.20 14.13
C LYS A 273 -21.54 -16.51 15.08
N ARG A 274 -21.17 -15.33 15.59
CA ARG A 274 -22.06 -14.61 16.50
C ARG A 274 -23.31 -14.12 15.80
N ARG A 275 -23.17 -13.57 14.60
CA ARG A 275 -24.28 -12.95 13.89
C ARG A 275 -24.80 -13.90 12.82
N PRO A 276 -26.03 -14.41 12.92
CA PRO A 276 -26.54 -15.26 11.84
C PRO A 276 -26.95 -14.51 10.59
N ASP A 277 -27.28 -13.22 10.70
CA ASP A 277 -27.81 -12.46 9.57
C ASP A 277 -26.74 -11.76 8.74
N LEU A 278 -25.49 -11.75 9.20
CA LEU A 278 -24.42 -11.14 8.42
C LEU A 278 -24.09 -12.03 7.22
N LYS A 279 -23.88 -11.40 6.07
CA LYS A 279 -23.57 -12.11 4.83
C LYS A 279 -22.32 -11.52 4.22
N ILE A 280 -21.32 -12.36 3.97
CA ILE A 280 -20.05 -11.94 3.40
C ILE A 280 -19.99 -12.34 1.94
N ILE A 281 -19.19 -11.61 1.16
CA ILE A 281 -18.95 -11.93 -0.24
C ILE A 281 -17.50 -11.58 -0.53
N ILE A 282 -16.67 -12.59 -0.74
CA ILE A 282 -15.26 -12.38 -1.09
C ILE A 282 -15.15 -12.36 -2.61
N MET A 283 -14.65 -11.26 -3.15
CA MET A 283 -14.52 -11.08 -4.59
C MET A 283 -13.05 -10.99 -4.96
N SER A 284 -12.64 -11.80 -5.92
CA SER A 284 -11.24 -11.90 -6.34
C SER A 284 -11.15 -11.84 -7.86
N ALA A 285 -9.97 -11.49 -8.35
CA ALA A 285 -9.73 -11.37 -9.78
C ALA A 285 -8.99 -12.57 -10.36
N THR A 286 -8.47 -13.46 -9.53
CA THR A 286 -7.78 -14.66 -10.01
C THR A 286 -8.80 -15.77 -10.23
N LEU A 287 -8.81 -16.34 -11.42
CA LEU A 287 -9.79 -17.35 -11.78
C LEU A 287 -9.63 -18.65 -11.01
N ASP A 288 -8.51 -18.83 -10.30
CA ASP A 288 -8.30 -19.99 -9.45
C ASP A 288 -8.28 -19.52 -8.00
N ALA A 289 -9.29 -19.94 -7.23
CA ALA A 289 -9.44 -19.52 -5.84
C ALA A 289 -9.83 -20.70 -4.97
N GLU A 290 -9.18 -21.84 -5.16
CA GLU A 290 -9.47 -23.02 -4.35
C GLU A 290 -9.11 -22.77 -2.89
N LYS A 291 -7.98 -22.11 -2.64
CA LYS A 291 -7.52 -21.91 -1.28
C LYS A 291 -8.45 -20.99 -0.52
N PHE A 292 -9.08 -20.03 -1.20
CA PHE A 292 -10.09 -19.22 -0.54
C PHE A 292 -11.27 -20.07 -0.09
N GLN A 293 -11.71 -21.01 -0.93
CA GLN A 293 -12.79 -21.91 -0.52
C GLN A 293 -12.37 -22.75 0.68
N ARG A 294 -11.15 -23.29 0.64
CA ARG A 294 -10.70 -24.13 1.75
C ARG A 294 -10.64 -23.33 3.04
N TYR A 295 -10.19 -22.08 2.98
CA TYR A 295 -10.09 -21.25 4.18
C TYR A 295 -11.46 -20.97 4.78
N PHE A 296 -12.48 -20.75 3.94
CA PHE A 296 -13.80 -20.36 4.40
C PHE A 296 -14.76 -21.54 4.50
N ASN A 297 -14.24 -22.72 4.83
CA ASN A 297 -15.08 -23.90 5.07
C ASN A 297 -15.85 -24.30 3.82
N ASP A 298 -15.12 -24.43 2.70
CA ASP A 298 -15.70 -24.87 1.44
C ASP A 298 -16.87 -24.00 1.01
N ALA A 299 -16.66 -22.69 1.04
CA ALA A 299 -17.69 -21.77 0.60
C ALA A 299 -17.91 -21.91 -0.91
N PRO A 300 -19.13 -21.75 -1.39
CA PRO A 300 -19.38 -21.94 -2.82
C PRO A 300 -18.66 -20.89 -3.66
N LEU A 301 -18.24 -21.31 -4.86
CA LEU A 301 -17.52 -20.45 -5.79
C LEU A 301 -18.33 -20.25 -7.06
N LEU A 302 -18.32 -19.02 -7.56
CA LEU A 302 -18.95 -18.67 -8.83
C LEU A 302 -17.92 -17.99 -9.70
N ALA A 303 -17.78 -18.45 -10.94
CA ALA A 303 -16.76 -17.95 -11.86
C ALA A 303 -17.41 -17.28 -13.06
N VAL A 304 -16.89 -16.11 -13.41
CA VAL A 304 -17.35 -15.37 -14.58
C VAL A 304 -16.51 -15.80 -15.79
N PRO A 305 -17.12 -16.27 -16.88
CA PRO A 305 -16.32 -16.76 -18.01
C PRO A 305 -15.41 -15.68 -18.57
N GLY A 306 -14.23 -16.11 -19.01
CA GLY A 306 -13.27 -15.18 -19.59
C GLY A 306 -13.80 -14.53 -20.85
N ARG A 307 -13.58 -13.23 -20.97
N ARG A 307 -13.56 -13.23 -20.98
CA ARG A 307 -14.02 -12.46 -22.13
CA ARG A 307 -14.02 -12.44 -22.11
C ARG A 307 -12.93 -11.50 -22.58
C ARG A 307 -12.92 -11.50 -22.57
N THR A 308 -11.69 -12.00 -22.67
CA THR A 308 -10.54 -11.21 -23.07
C THR A 308 -9.98 -11.74 -24.38
N TYR A 309 -9.72 -10.84 -25.32
CA TYR A 309 -9.23 -11.20 -26.64
C TYR A 309 -7.76 -11.58 -26.59
N PRO A 310 -7.26 -12.26 -27.63
CA PRO A 310 -5.82 -12.53 -27.69
C PRO A 310 -5.02 -11.25 -27.76
N VAL A 311 -3.84 -11.26 -27.12
CA VAL A 311 -2.93 -10.12 -27.12
C VAL A 311 -1.54 -10.61 -27.48
N GLU A 312 -0.94 -9.98 -28.48
CA GLU A 312 0.44 -10.27 -28.85
C GLU A 312 1.39 -9.67 -27.82
N LEU A 313 2.58 -10.25 -27.73
CA LEU A 313 3.61 -9.76 -26.82
C LEU A 313 4.84 -9.35 -27.60
N TYR A 314 5.50 -8.30 -27.11
CA TYR A 314 6.74 -7.81 -27.70
C TYR A 314 7.77 -7.60 -26.60
N TYR A 315 9.03 -7.87 -26.93
CA TYR A 315 10.15 -7.69 -26.02
C TYR A 315 11.23 -6.89 -26.72
N THR A 316 12.22 -6.45 -25.94
CA THR A 316 13.40 -5.84 -26.53
C THR A 316 14.52 -6.87 -26.67
N PRO A 317 15.43 -6.70 -27.63
CA PRO A 317 16.52 -7.66 -27.81
C PRO A 317 17.75 -7.43 -26.94
N GLU A 318 17.70 -6.47 -26.01
CA GLU A 318 18.84 -6.22 -25.13
C GLU A 318 18.35 -5.53 -23.87
N PHE A 319 19.19 -5.55 -22.84
CA PHE A 319 18.86 -4.91 -21.58
C PHE A 319 18.74 -3.40 -21.77
N GLN A 320 17.86 -2.79 -20.97
CA GLN A 320 17.61 -1.35 -21.03
C GLN A 320 18.19 -0.70 -19.79
N ARG A 321 19.09 0.27 -20.00
CA ARG A 321 19.73 0.95 -18.88
C ARG A 321 18.78 1.95 -18.23
N ASP A 322 18.27 2.89 -19.01
CA ASP A 322 17.30 3.88 -18.55
C ASP A 322 15.93 3.51 -19.11
N TYR A 323 15.00 3.18 -18.22
CA TYR A 323 13.69 2.71 -18.68
C TYR A 323 12.67 3.82 -18.83
N LEU A 324 12.91 4.99 -18.23
CA LEU A 324 11.98 6.10 -18.43
C LEU A 324 12.07 6.64 -19.85
N ASP A 325 13.29 6.88 -20.33
CA ASP A 325 13.45 7.32 -21.71
C ASP A 325 12.96 6.27 -22.70
N SER A 326 13.22 5.00 -22.40
CA SER A 326 12.70 3.93 -23.24
C SER A 326 11.18 3.94 -23.27
N ALA A 327 10.55 4.17 -22.12
CA ALA A 327 9.10 4.23 -22.07
C ALA A 327 8.57 5.40 -22.89
N ILE A 328 9.21 6.57 -22.77
CA ILE A 328 8.77 7.73 -23.55
C ILE A 328 8.88 7.43 -25.04
N ARG A 329 10.02 6.88 -25.46
CA ARG A 329 10.21 6.58 -26.87
C ARG A 329 9.22 5.54 -27.37
N THR A 330 8.93 4.53 -26.54
CA THR A 330 7.97 3.51 -26.93
C THR A 330 6.58 4.10 -27.09
N VAL A 331 6.18 4.97 -26.16
CA VAL A 331 4.86 5.59 -26.27
C VAL A 331 4.78 6.43 -27.55
N LEU A 332 5.83 7.20 -27.83
CA LEU A 332 5.82 8.01 -29.04
C LEU A 332 5.74 7.14 -30.30
N GLN A 333 6.50 6.04 -30.32
CA GLN A 333 6.44 5.14 -31.47
C GLN A 333 5.04 4.57 -31.63
N ILE A 334 4.45 4.08 -30.54
CA ILE A 334 3.10 3.51 -30.61
C ILE A 334 2.13 4.53 -31.19
N HIS A 335 2.19 5.76 -30.70
CA HIS A 335 1.30 6.79 -31.21
C HIS A 335 1.55 7.06 -32.69
N ALA A 336 2.82 7.02 -33.11
CA ALA A 336 3.16 7.41 -34.47
C ALA A 336 2.72 6.36 -35.49
N THR A 337 2.97 5.09 -35.23
CA THR A 337 2.80 4.06 -36.26
C THR A 337 1.54 3.20 -36.05
N GLU A 338 1.23 2.84 -34.81
CA GLU A 338 0.18 1.87 -34.57
C GLU A 338 -1.18 2.45 -34.98
N GLU A 339 -2.21 1.60 -34.89
CA GLU A 339 -3.55 1.97 -35.32
C GLU A 339 -4.26 2.73 -34.20
N ALA A 340 -5.53 3.05 -34.40
CA ALA A 340 -6.29 3.76 -33.39
C ALA A 340 -6.47 2.89 -32.14
N GLY A 341 -6.34 3.52 -30.98
CA GLY A 341 -6.45 2.81 -29.72
C GLY A 341 -5.62 3.47 -28.64
N ASP A 342 -6.16 3.57 -27.43
CA ASP A 342 -5.50 4.30 -26.36
C ASP A 342 -4.30 3.50 -25.85
N ILE A 343 -3.43 4.18 -25.11
CA ILE A 343 -2.20 3.63 -24.57
C ILE A 343 -2.23 3.74 -23.06
N LEU A 344 -1.77 2.70 -22.39
CA LEU A 344 -1.65 2.69 -20.93
C LEU A 344 -0.19 2.49 -20.57
N LEU A 345 0.35 3.39 -19.76
CA LEU A 345 1.75 3.37 -19.37
C LEU A 345 1.85 3.21 -17.86
N PHE A 346 2.57 2.20 -17.41
CA PHE A 346 2.79 1.96 -15.99
C PHE A 346 4.13 2.54 -15.57
N LEU A 347 4.12 3.30 -14.48
CA LEU A 347 5.35 3.88 -13.95
C LEU A 347 5.35 3.68 -12.43
N THR A 348 6.29 4.33 -11.75
CA THR A 348 6.56 4.02 -10.34
C THR A 348 5.77 4.90 -9.38
N GLY A 349 5.97 6.22 -9.47
CA GLY A 349 5.40 7.12 -8.48
C GLY A 349 4.91 8.46 -9.02
N GLU A 350 4.68 9.40 -8.12
CA GLU A 350 4.10 10.69 -8.52
C GLU A 350 5.08 11.53 -9.32
N ASP A 351 6.30 11.67 -8.83
CA ASP A 351 7.27 12.54 -9.50
C ASP A 351 7.61 12.01 -10.88
N GLU A 352 7.86 10.70 -10.98
CA GLU A 352 8.11 10.10 -12.29
C GLU A 352 6.93 10.30 -13.21
N ILE A 353 5.71 10.16 -12.68
CA ILE A 353 4.51 10.30 -13.50
C ILE A 353 4.40 11.73 -14.03
N GLU A 354 4.66 12.73 -13.18
CA GLU A 354 4.58 14.11 -13.63
C GLU A 354 5.64 14.43 -14.67
N ASP A 355 6.87 13.98 -14.45
CA ASP A 355 7.93 14.21 -15.42
C ASP A 355 7.59 13.55 -16.75
N ALA A 356 7.08 12.32 -16.71
CA ALA A 356 6.68 11.64 -17.93
C ALA A 356 5.56 12.38 -18.63
N VAL A 357 4.59 12.89 -17.87
CA VAL A 357 3.48 13.63 -18.47
C VAL A 357 4.01 14.84 -19.22
N ARG A 358 4.87 15.62 -18.56
CA ARG A 358 5.42 16.81 -19.21
C ARG A 358 6.21 16.44 -20.45
N LYS A 359 7.09 15.44 -20.34
CA LYS A 359 7.92 15.06 -21.47
C LYS A 359 7.07 14.59 -22.64
N ILE A 360 6.07 13.76 -22.36
CA ILE A 360 5.24 13.20 -23.44
C ILE A 360 4.40 14.28 -24.08
N SER A 361 3.88 15.22 -23.29
CA SER A 361 3.10 16.31 -23.87
C SER A 361 3.98 17.16 -24.79
N LEU A 362 5.19 17.49 -24.34
CA LEU A 362 6.09 18.28 -25.16
C LEU A 362 6.46 17.54 -26.45
N GLU A 363 6.78 16.26 -26.33
CA GLU A 363 7.16 15.48 -27.50
C GLU A 363 5.99 15.32 -28.46
N GLY A 364 4.77 15.18 -27.93
CA GLY A 364 3.61 15.09 -28.79
C GLY A 364 3.33 16.38 -29.53
N ASP A 365 3.49 17.51 -28.85
CA ASP A 365 3.33 18.79 -29.53
C ASP A 365 4.37 18.96 -30.63
N GLN A 366 5.63 18.60 -30.34
CA GLN A 366 6.66 18.68 -31.36
C GLN A 366 6.36 17.74 -32.53
N LEU A 367 5.88 16.54 -32.24
CA LEU A 367 5.54 15.59 -33.29
C LEU A 367 4.42 16.13 -34.17
N VAL A 368 3.40 16.73 -33.56
CA VAL A 368 2.32 17.31 -34.34
C VAL A 368 2.85 18.45 -35.20
N ARG A 369 3.75 19.26 -34.64
CA ARG A 369 4.31 20.38 -35.40
C ARG A 369 5.09 19.91 -36.61
N GLU A 370 5.91 18.87 -36.44
CA GLU A 370 6.87 18.48 -37.47
C GLU A 370 6.28 17.48 -38.46
N GLU A 371 5.63 16.42 -37.98
CA GLU A 371 5.10 15.37 -38.84
C GLU A 371 3.60 15.47 -39.05
N GLY A 372 2.92 16.39 -38.37
CA GLY A 372 1.49 16.53 -38.55
C GLY A 372 0.70 15.30 -38.14
N CYS A 373 1.04 14.69 -37.01
CA CYS A 373 0.30 13.56 -36.49
C CYS A 373 -0.90 14.05 -35.69
N GLY A 374 -1.74 13.11 -35.28
CA GLY A 374 -2.95 13.43 -34.55
C GLY A 374 -2.65 13.87 -33.13
N PRO A 375 -3.63 14.51 -32.49
CA PRO A 375 -3.44 14.95 -31.11
C PRO A 375 -3.27 13.78 -30.15
N LEU A 376 -2.55 14.04 -29.05
CA LEU A 376 -2.31 13.04 -28.03
C LEU A 376 -2.47 13.68 -26.67
N SER A 377 -3.60 13.41 -26.00
CA SER A 377 -3.84 13.91 -24.66
C SER A 377 -3.10 13.05 -23.64
N VAL A 378 -2.83 13.64 -22.49
CA VAL A 378 -2.10 12.96 -21.42
C VAL A 378 -2.83 13.19 -20.10
N TYR A 379 -3.03 12.12 -19.33
CA TYR A 379 -3.69 12.19 -18.05
C TYR A 379 -2.89 11.41 -17.03
N PRO A 380 -2.56 11.98 -15.88
CA PRO A 380 -1.87 11.23 -14.83
C PRO A 380 -2.86 10.51 -13.93
N LEU A 381 -2.32 9.59 -13.13
CA LEU A 381 -3.16 8.82 -12.21
C LEU A 381 -2.28 8.27 -11.09
N TYR A 382 -2.48 8.76 -9.87
CA TYR A 382 -1.77 8.24 -8.71
C TYR A 382 -2.70 8.38 -7.51
N GLY A 383 -2.19 7.99 -6.33
CA GLY A 383 -3.04 7.86 -5.18
C GLY A 383 -3.65 9.17 -4.70
N SER A 384 -2.89 10.26 -4.79
CA SER A 384 -3.25 11.51 -4.15
C SER A 384 -4.08 12.43 -5.02
N LEU A 385 -4.49 11.99 -6.20
CA LEU A 385 -5.22 12.88 -7.10
C LEU A 385 -6.56 13.28 -6.48
N PRO A 386 -6.98 14.53 -6.63
CA PRO A 386 -8.34 14.92 -6.20
C PRO A 386 -9.38 14.33 -7.14
N PRO A 387 -10.62 14.14 -6.68
CA PRO A 387 -11.62 13.46 -7.52
C PRO A 387 -11.88 14.17 -8.84
N HIS A 388 -11.92 15.50 -8.84
CA HIS A 388 -12.17 16.22 -10.08
C HIS A 388 -11.08 15.97 -11.10
N GLN A 389 -9.89 15.56 -10.66
CA GLN A 389 -8.84 15.15 -11.58
C GLN A 389 -8.87 13.65 -11.86
N GLN A 390 -9.35 12.85 -10.90
CA GLN A 390 -9.47 11.42 -11.14
C GLN A 390 -10.46 11.14 -12.26
N GLN A 391 -11.58 11.86 -12.29
CA GLN A 391 -12.60 11.59 -13.30
C GLN A 391 -12.13 11.90 -14.72
N ARG A 392 -11.01 12.60 -14.89
CA ARG A 392 -10.59 12.96 -16.24
C ARG A 392 -10.14 11.75 -17.04
N ILE A 393 -9.60 10.72 -16.38
CA ILE A 393 -9.01 9.60 -17.11
C ILE A 393 -10.02 8.87 -17.97
N PHE A 394 -11.31 9.03 -17.68
CA PHE A 394 -12.36 8.34 -18.43
C PHE A 394 -12.85 9.14 -19.62
N GLU A 395 -12.36 10.36 -19.82
CA GLU A 395 -12.84 11.18 -20.92
C GLU A 395 -12.47 10.53 -22.26
N PRO A 396 -13.29 10.73 -23.29
CA PRO A 396 -12.99 10.12 -24.59
C PRO A 396 -11.75 10.74 -25.23
N ALA A 397 -11.12 9.96 -26.10
CA ALA A 397 -9.94 10.45 -26.79
C ALA A 397 -10.32 11.63 -27.69
N PRO A 398 -9.46 12.63 -27.83
CA PRO A 398 -9.80 13.79 -28.65
C PRO A 398 -9.99 13.41 -30.11
N GLU A 399 -10.88 14.13 -30.78
CA GLU A 399 -11.16 13.87 -32.19
C GLU A 399 -9.95 14.22 -33.04
N SER A 400 -9.75 13.44 -34.10
CA SER A 400 -8.63 13.67 -34.99
C SER A 400 -8.82 14.97 -35.77
N HIS A 401 -7.70 15.61 -36.10
CA HIS A 401 -7.70 16.81 -36.93
C HIS A 401 -6.66 16.80 -38.03
N ASN A 402 -5.71 15.86 -38.01
CA ASN A 402 -4.62 15.81 -38.99
C ASN A 402 -4.75 14.63 -39.94
N GLY A 403 -5.93 14.01 -40.02
CA GLY A 403 -6.12 12.85 -40.86
C GLY A 403 -5.62 11.55 -40.26
N ARG A 404 -5.12 11.57 -39.04
CA ARG A 404 -4.63 10.40 -38.34
C ARG A 404 -5.31 10.31 -36.99
N PRO A 405 -5.39 9.12 -36.40
CA PRO A 405 -6.23 8.94 -35.21
C PRO A 405 -5.69 9.69 -34.01
N GLY A 406 -6.60 10.31 -33.25
CA GLY A 406 -6.26 10.84 -31.96
C GLY A 406 -6.17 9.74 -30.91
N ARG A 407 -5.51 10.05 -29.80
CA ARG A 407 -5.19 9.02 -28.82
C ARG A 407 -5.21 9.63 -27.42
N LYS A 408 -5.39 8.76 -26.43
CA LYS A 408 -5.37 9.13 -25.03
C LYS A 408 -4.37 8.23 -24.30
N VAL A 409 -3.49 8.85 -23.51
CA VAL A 409 -2.47 8.13 -22.77
C VAL A 409 -2.71 8.34 -21.29
N VAL A 410 -2.74 7.25 -20.54
CA VAL A 410 -2.96 7.28 -19.10
C VAL A 410 -1.68 6.77 -18.44
N ILE A 411 -1.01 7.64 -17.68
CA ILE A 411 0.23 7.29 -17.01
C ILE A 411 -0.16 6.87 -15.60
N SER A 412 -0.49 5.59 -15.43
CA SER A 412 -0.99 5.08 -14.17
C SER A 412 0.15 4.49 -13.35
N THR A 413 -0.19 4.02 -12.14
CA THR A 413 0.81 3.44 -11.25
C THR A 413 0.14 2.33 -10.45
N ASN A 414 0.20 1.11 -10.97
CA ASN A 414 -0.29 -0.09 -10.27
C ASN A 414 -1.73 0.07 -9.80
N ILE A 415 -2.47 1.02 -10.36
CA ILE A 415 -3.88 1.18 -10.09
C ILE A 415 -4.74 0.71 -11.24
N ALA A 416 -4.27 0.89 -12.47
CA ALA A 416 -4.95 0.35 -13.64
C ALA A 416 -4.78 -1.15 -13.77
N GLU A 417 -3.94 -1.75 -12.94
CA GLU A 417 -3.70 -3.19 -13.02
C GLU A 417 -4.98 -3.97 -12.80
N THR A 418 -5.57 -3.85 -11.61
CA THR A 418 -6.83 -4.53 -11.31
C THR A 418 -7.86 -3.67 -10.59
N SER A 419 -7.50 -2.54 -10.01
CA SER A 419 -8.45 -1.78 -9.20
C SER A 419 -9.57 -1.21 -10.07
N LEU A 420 -9.22 -0.52 -11.15
CA LEU A 420 -10.21 0.11 -12.02
C LEU A 420 -9.83 -0.15 -13.47
N THR A 421 -10.85 -0.16 -14.32
CA THR A 421 -10.69 -0.46 -15.74
C THR A 421 -11.05 0.76 -16.57
N ILE A 422 -10.23 1.04 -17.58
CA ILE A 422 -10.46 2.12 -18.53
C ILE A 422 -10.83 1.50 -19.86
N ASP A 423 -11.97 1.90 -20.41
CA ASP A 423 -12.45 1.34 -21.67
C ASP A 423 -11.78 2.05 -22.83
N GLY A 424 -11.22 1.27 -23.76
CA GLY A 424 -10.54 1.81 -24.92
C GLY A 424 -9.05 1.57 -24.95
N ILE A 425 -8.51 0.76 -24.05
CA ILE A 425 -7.08 0.46 -24.03
C ILE A 425 -6.80 -0.70 -24.96
N VAL A 426 -5.85 -0.52 -25.88
CA VAL A 426 -5.49 -1.56 -26.83
C VAL A 426 -4.00 -1.85 -26.77
N TYR A 427 -3.21 -0.86 -26.34
CA TYR A 427 -1.76 -0.99 -26.25
C TYR A 427 -1.33 -0.75 -24.81
N VAL A 428 -0.41 -1.58 -24.32
CA VAL A 428 0.09 -1.49 -22.96
C VAL A 428 1.61 -1.47 -22.99
N VAL A 429 2.21 -0.55 -22.25
CA VAL A 429 3.65 -0.42 -22.13
C VAL A 429 4.03 -0.79 -20.70
N ASP A 430 4.96 -1.73 -20.54
CA ASP A 430 5.25 -2.37 -19.27
C ASP A 430 6.72 -2.27 -18.94
N PRO A 431 7.15 -1.15 -18.34
CA PRO A 431 8.56 -1.04 -17.96
C PRO A 431 9.03 -2.15 -17.04
N GLY A 432 8.16 -2.68 -16.19
CA GLY A 432 8.47 -3.83 -15.37
C GLY A 432 8.79 -3.53 -13.92
N PHE A 433 8.89 -2.26 -13.54
CA PHE A 433 9.24 -1.87 -12.18
C PHE A 433 8.06 -1.21 -11.51
N SER A 434 7.79 -1.62 -10.27
CA SER A 434 6.73 -1.02 -9.47
C SER A 434 7.23 -0.85 -8.04
N LYS A 435 6.64 0.12 -7.35
CA LYS A 435 7.03 0.44 -5.98
C LYS A 435 6.37 -0.55 -5.02
N GLN A 436 7.18 -1.27 -4.26
CA GLN A 436 6.70 -2.30 -3.35
C GLN A 436 7.25 -2.04 -1.94
N LYS A 437 6.49 -2.46 -0.94
CA LYS A 437 6.92 -2.32 0.44
C LYS A 437 7.79 -3.50 0.83
N VAL A 438 8.91 -3.22 1.48
CA VAL A 438 9.82 -4.24 1.98
C VAL A 438 10.08 -3.98 3.45
N TYR A 439 10.41 -5.04 4.18
CA TYR A 439 10.63 -4.98 5.62
C TYR A 439 11.99 -5.56 5.94
N ASN A 440 12.73 -4.90 6.84
CA ASN A 440 14.08 -5.30 7.18
C ASN A 440 14.09 -5.88 8.59
N PRO A 441 14.12 -7.20 8.75
CA PRO A 441 14.00 -7.76 10.12
C PRO A 441 15.10 -7.31 11.06
N ARG A 442 16.32 -7.11 10.56
CA ARG A 442 17.43 -6.78 11.45
C ARG A 442 17.32 -5.35 11.98
N ILE A 443 16.98 -4.40 11.12
CA ILE A 443 16.85 -3.02 11.55
C ILE A 443 15.41 -2.67 11.95
N ARG A 444 14.43 -3.47 11.52
CA ARG A 444 13.03 -3.23 11.84
C ARG A 444 12.57 -1.89 11.26
N VAL A 445 12.72 -1.76 9.94
CA VAL A 445 12.33 -0.55 9.23
C VAL A 445 11.61 -0.96 7.95
N GLU A 446 10.51 -0.28 7.65
CA GLU A 446 9.72 -0.52 6.45
C GLU A 446 9.98 0.59 5.46
N SER A 447 10.30 0.21 4.22
CA SER A 447 10.65 1.18 3.19
C SER A 447 9.96 0.82 1.88
N LEU A 448 9.65 1.84 1.09
CA LEU A 448 9.05 1.66 -0.23
C LEU A 448 10.16 1.74 -1.27
N LEU A 449 10.54 0.59 -1.82
CA LEU A 449 11.65 0.49 -2.76
C LEU A 449 11.14 -0.02 -4.10
N VAL A 450 11.68 0.56 -5.17
CA VAL A 450 11.30 0.17 -6.53
C VAL A 450 11.99 -1.15 -6.86
N SER A 451 11.20 -2.19 -7.11
CA SER A 451 11.71 -3.51 -7.40
C SER A 451 10.91 -4.11 -8.55
N PRO A 452 11.46 -5.10 -9.24
CA PRO A 452 10.73 -5.71 -10.36
C PRO A 452 9.47 -6.41 -9.90
N ILE A 453 8.49 -6.46 -10.80
CA ILE A 453 7.19 -7.08 -10.53
C ILE A 453 7.31 -8.59 -10.68
N SER A 454 6.29 -9.31 -10.23
CA SER A 454 6.24 -10.75 -10.38
C SER A 454 5.67 -11.13 -11.75
N LYS A 455 5.62 -12.43 -12.03
CA LYS A 455 5.08 -12.88 -13.32
C LYS A 455 3.57 -12.68 -13.39
N ALA A 456 2.88 -12.86 -12.26
CA ALA A 456 1.43 -12.64 -12.25
C ALA A 456 1.10 -11.18 -12.55
N SER A 457 1.85 -10.25 -11.98
CA SER A 457 1.60 -8.84 -12.24
C SER A 457 1.82 -8.51 -13.71
N ALA A 458 2.90 -9.05 -14.30
CA ALA A 458 3.17 -8.79 -15.71
C ALA A 458 2.07 -9.39 -16.58
N GLN A 459 1.60 -10.59 -16.23
CA GLN A 459 0.52 -11.20 -16.99
C GLN A 459 -0.76 -10.37 -16.92
N GLN A 460 -1.07 -9.84 -15.74
CA GLN A 460 -2.25 -8.99 -15.62
C GLN A 460 -2.09 -7.69 -16.42
N ARG A 461 -0.91 -7.09 -16.38
CA ARG A 461 -0.66 -5.89 -17.16
C ARG A 461 -0.84 -6.17 -18.64
N ALA A 462 -0.32 -7.30 -19.12
CA ALA A 462 -0.52 -7.66 -20.52
C ALA A 462 -1.99 -7.89 -20.82
N GLY A 463 -2.70 -8.57 -19.92
CA GLY A 463 -4.11 -8.84 -20.15
C GLY A 463 -4.92 -7.57 -20.25
N ARG A 464 -4.51 -6.51 -19.54
CA ARG A 464 -5.20 -5.23 -19.68
C ARG A 464 -5.17 -4.72 -21.11
N ALA A 465 -4.22 -5.20 -21.92
CA ALA A 465 -4.07 -4.67 -23.27
C ALA A 465 -5.27 -5.01 -24.14
N GLY A 466 -5.79 -6.23 -24.04
CA GLY A 466 -6.88 -6.62 -24.92
C GLY A 466 -8.19 -6.87 -24.20
N ARG A 467 -9.14 -5.96 -24.36
N ARG A 467 -9.15 -5.95 -24.39
CA ARG A 467 -10.50 -6.17 -23.88
CA ARG A 467 -10.50 -6.10 -23.85
C ARG A 467 -11.55 -5.73 -24.89
C ARG A 467 -11.55 -5.75 -24.90
N THR A 468 -11.20 -4.90 -25.87
CA THR A 468 -12.10 -4.47 -26.92
C THR A 468 -11.72 -5.03 -28.29
N ARG A 469 -10.44 -5.08 -28.59
CA ARG A 469 -9.94 -5.63 -29.84
C ARG A 469 -8.62 -6.33 -29.58
N PRO A 470 -8.18 -7.22 -30.46
CA PRO A 470 -6.87 -7.84 -30.28
C PRO A 470 -5.77 -6.79 -30.15
N GLY A 471 -5.15 -6.71 -28.97
CA GLY A 471 -4.19 -5.67 -28.67
C GLY A 471 -2.77 -6.17 -28.63
N LYS A 472 -1.88 -5.26 -28.27
CA LYS A 472 -0.45 -5.56 -28.17
C LYS A 472 0.06 -5.07 -26.83
N CYS A 473 1.03 -5.79 -26.28
CA CYS A 473 1.70 -5.41 -25.04
C CYS A 473 3.20 -5.33 -25.29
N PHE A 474 3.77 -4.17 -25.08
CA PHE A 474 5.19 -3.93 -25.31
C PHE A 474 5.92 -3.97 -23.97
N ARG A 475 6.83 -4.93 -23.81
CA ARG A 475 7.59 -5.10 -22.59
C ARG A 475 9.02 -4.61 -22.80
N LEU A 476 9.51 -3.80 -21.88
CA LEU A 476 10.84 -3.21 -21.98
C LEU A 476 11.86 -4.05 -21.20
N TYR A 477 11.95 -5.32 -21.57
CA TYR A 477 13.00 -6.19 -21.06
C TYR A 477 13.05 -7.45 -21.94
N THR A 478 14.13 -8.20 -21.79
CA THR A 478 14.36 -9.35 -22.64
C THR A 478 13.51 -10.54 -22.21
N GLU A 479 13.15 -11.38 -23.18
CA GLU A 479 12.34 -12.55 -22.88
C GLU A 479 13.04 -13.45 -21.87
N GLU A 480 14.36 -13.57 -21.97
CA GLU A 480 15.10 -14.36 -20.99
C GLU A 480 14.93 -13.79 -19.59
N ALA A 481 14.91 -12.46 -19.47
CA ALA A 481 14.68 -11.85 -18.17
C ALA A 481 13.29 -12.21 -17.65
N PHE A 482 12.28 -12.18 -18.51
CA PHE A 482 10.93 -12.52 -18.08
C PHE A 482 10.86 -13.97 -17.62
N GLN A 483 11.53 -14.88 -18.33
CA GLN A 483 11.45 -16.30 -18.00
C GLN A 483 12.39 -16.72 -16.87
N LYS A 484 13.36 -15.89 -16.50
CA LYS A 484 14.30 -16.27 -15.46
C LYS A 484 14.44 -15.21 -14.36
N GLU A 485 14.41 -13.93 -14.71
CA GLU A 485 14.70 -12.90 -13.73
C GLU A 485 13.53 -12.70 -12.75
N LEU A 486 12.30 -12.69 -13.26
CA LEU A 486 11.16 -12.40 -12.42
C LEU A 486 10.86 -13.57 -11.48
N ILE A 487 10.20 -13.24 -10.37
CA ILE A 487 9.80 -14.23 -9.38
C ILE A 487 8.40 -14.71 -9.70
N GLU A 488 8.10 -15.95 -9.29
CA GLU A 488 6.83 -16.56 -9.68
C GLU A 488 5.65 -15.79 -9.11
N GLN A 489 5.71 -15.40 -7.85
CA GLN A 489 4.59 -14.72 -7.22
C GLN A 489 5.09 -13.91 -6.03
N SER A 490 4.38 -12.83 -5.73
CA SER A 490 4.73 -11.98 -4.60
C SER A 490 4.16 -12.55 -3.30
N TYR A 491 4.72 -12.08 -2.18
CA TYR A 491 4.33 -12.61 -0.88
C TYR A 491 3.21 -11.76 -0.27
N PRO A 492 2.39 -12.35 0.61
CA PRO A 492 1.37 -11.54 1.29
C PRO A 492 1.99 -10.52 2.22
N GLU A 493 1.29 -9.39 2.39
CA GLU A 493 1.82 -8.31 3.20
C GLU A 493 1.94 -8.68 4.68
N ILE A 494 1.25 -9.74 5.12
CA ILE A 494 1.36 -10.13 6.52
C ILE A 494 2.77 -10.63 6.82
N LEU A 495 3.41 -11.29 5.86
CA LEU A 495 4.78 -11.78 6.02
C LEU A 495 5.81 -10.75 5.64
N ARG A 496 5.40 -9.53 5.31
CA ARG A 496 6.29 -8.48 4.81
C ARG A 496 6.11 -7.21 5.61
N SER A 497 5.88 -7.34 6.92
CA SER A 497 5.68 -6.17 7.76
C SER A 497 5.95 -6.56 9.21
N ASN A 498 6.11 -5.54 10.05
CA ASN A 498 6.38 -5.76 11.46
C ASN A 498 5.28 -6.60 12.08
N LEU A 499 5.66 -7.64 12.80
CA LEU A 499 4.70 -8.54 13.43
C LEU A 499 4.34 -8.12 14.85
N SER A 500 4.97 -7.06 15.35
CA SER A 500 4.63 -6.55 16.68
C SER A 500 3.56 -5.46 16.61
N SER A 501 3.67 -4.55 15.64
CA SER A 501 2.60 -3.58 15.41
C SER A 501 1.31 -4.29 15.03
N THR A 502 1.41 -5.37 14.25
CA THR A 502 0.22 -6.13 13.90
C THR A 502 -0.44 -6.73 15.12
N VAL A 503 0.34 -7.28 16.05
CA VAL A 503 -0.23 -7.83 17.28
C VAL A 503 -0.87 -6.72 18.11
N LEU A 504 -0.20 -5.58 18.21
CA LEU A 504 -0.74 -4.47 19.01
C LEU A 504 -2.02 -3.93 18.41
N GLU A 505 -2.16 -4.00 17.07
CA GLU A 505 -3.40 -3.59 16.43
C GLU A 505 -4.49 -4.65 16.59
N LEU A 506 -4.12 -5.93 16.54
CA LEU A 506 -5.09 -6.99 16.74
C LEU A 506 -5.68 -6.94 18.15
N LYS A 507 -4.83 -6.68 19.14
CA LYS A 507 -5.33 -6.62 20.52
C LYS A 507 -6.37 -5.52 20.68
N LYS A 508 -6.31 -4.48 19.85
CA LYS A 508 -7.31 -3.41 19.94
C LYS A 508 -8.70 -3.93 19.60
N LEU A 509 -8.79 -4.81 18.60
CA LEU A 509 -10.08 -5.33 18.16
C LEU A 509 -10.74 -6.23 19.21
N GLY A 510 -10.02 -6.62 20.25
CA GLY A 510 -10.57 -7.49 21.27
C GLY A 510 -10.18 -8.94 21.17
N ILE A 511 -9.29 -9.29 20.25
CA ILE A 511 -8.85 -10.67 20.13
C ILE A 511 -8.05 -11.06 21.36
N ASP A 512 -8.17 -12.33 21.75
CA ASP A 512 -7.46 -12.86 22.91
C ASP A 512 -6.44 -13.93 22.54
N ASP A 513 -6.86 -14.98 21.84
CA ASP A 513 -5.97 -16.11 21.54
C ASP A 513 -5.21 -15.80 20.26
N LEU A 514 -4.19 -14.95 20.41
CA LEU A 514 -3.39 -14.54 19.26
C LEU A 514 -2.68 -15.73 18.63
N VAL A 515 -2.12 -16.62 19.46
CA VAL A 515 -1.37 -17.75 18.94
C VAL A 515 -2.29 -18.69 18.15
N HIS A 516 -3.54 -18.83 18.59
CA HIS A 516 -4.50 -19.69 17.93
C HIS A 516 -5.34 -18.94 16.89
N PHE A 517 -5.10 -17.66 16.69
CA PHE A 517 -5.82 -16.90 15.67
C PHE A 517 -5.59 -17.51 14.29
N ASP A 518 -6.65 -17.63 13.52
CA ASP A 518 -6.60 -18.29 12.21
C ASP A 518 -6.32 -17.25 11.13
N PHE A 519 -5.06 -17.10 10.77
CA PHE A 519 -4.67 -16.21 9.70
C PHE A 519 -4.75 -16.91 8.35
N MET A 520 -4.81 -16.12 7.29
CA MET A 520 -4.81 -16.67 5.94
C MET A 520 -3.49 -17.38 5.65
N ASP A 521 -2.38 -16.72 5.95
CA ASP A 521 -1.04 -17.28 5.78
C ASP A 521 -0.29 -17.06 7.09
N PRO A 522 -0.45 -17.93 8.07
CA PRO A 522 0.09 -17.67 9.40
C PRO A 522 1.60 -17.52 9.36
N PRO A 523 2.16 -16.63 10.17
CA PRO A 523 3.62 -16.58 10.33
C PRO A 523 4.10 -17.70 11.24
N ALA A 524 5.40 -17.95 11.19
CA ALA A 524 5.97 -19.03 11.98
C ALA A 524 5.72 -18.78 13.47
N PRO A 525 5.41 -19.82 14.26
CA PRO A 525 5.13 -19.57 15.68
C PRO A 525 6.27 -18.92 16.43
N GLU A 526 7.52 -19.14 15.99
CA GLU A 526 8.66 -18.58 16.70
C GLU A 526 8.60 -17.05 16.71
N THR A 527 8.35 -16.45 15.55
CA THR A 527 8.34 -14.99 15.48
C THR A 527 7.15 -14.40 16.24
N MET A 528 5.99 -15.08 16.20
CA MET A 528 4.84 -14.61 16.97
C MET A 528 5.14 -14.65 18.46
N MET A 529 5.73 -15.75 18.94
CA MET A 529 6.07 -15.83 20.36
C MET A 529 7.08 -14.75 20.74
N ARG A 530 8.09 -14.52 19.89
CA ARG A 530 9.07 -13.48 20.19
C ARG A 530 8.41 -12.11 20.26
N ALA A 531 7.51 -11.83 19.32
CA ALA A 531 6.82 -10.53 19.33
C ALA A 531 5.99 -10.37 20.60
N LEU A 532 5.25 -11.40 21.00
CA LEU A 532 4.46 -11.32 22.22
C LEU A 532 5.34 -11.11 23.44
N GLU A 533 6.45 -11.84 23.51
CA GLU A 533 7.37 -11.68 24.64
C GLU A 533 7.92 -10.26 24.70
N GLU A 534 8.37 -9.74 23.56
CA GLU A 534 8.92 -8.39 23.54
C GLU A 534 7.85 -7.37 23.95
N LEU A 535 6.63 -7.53 23.46
CA LEU A 535 5.57 -6.59 23.83
C LEU A 535 5.30 -6.65 25.32
N ASN A 536 5.29 -7.84 25.90
CA ASN A 536 5.07 -7.95 27.35
C ASN A 536 6.20 -7.28 28.13
N TYR A 537 7.44 -7.43 27.67
CA TYR A 537 8.57 -6.85 28.39
C TYR A 537 8.52 -5.33 28.37
N LEU A 538 7.93 -4.73 27.34
CA LEU A 538 7.90 -3.28 27.20
C LEU A 538 6.78 -2.62 28.00
N ALA A 539 5.93 -3.41 28.66
CA ALA A 539 4.76 -2.95 29.41
C ALA A 539 3.61 -2.56 28.50
N CYS A 540 3.73 -2.76 27.19
CA CYS A 540 2.58 -2.51 26.30
C CYS A 540 1.44 -3.48 26.61
N LEU A 541 1.76 -4.75 26.81
CA LEU A 541 0.80 -5.76 27.23
C LEU A 541 1.17 -6.22 28.64
N ASP A 542 0.25 -6.06 29.58
CA ASP A 542 0.50 -6.46 30.95
C ASP A 542 0.62 -7.97 31.05
N ASP A 543 0.91 -8.46 32.26
CA ASP A 543 1.12 -9.89 32.46
C ASP A 543 -0.09 -10.72 32.05
N GLU A 544 -1.29 -10.13 32.06
CA GLU A 544 -2.50 -10.85 31.69
C GLU A 544 -2.75 -10.86 30.19
N GLY A 545 -1.90 -10.22 29.40
CA GLY A 545 -2.06 -10.19 27.96
C GLY A 545 -3.02 -9.16 27.44
N ASN A 546 -3.61 -8.34 28.31
CA ASN A 546 -4.54 -7.30 27.89
C ASN A 546 -3.81 -6.00 27.61
N LEU A 547 -4.46 -5.14 26.83
CA LEU A 547 -3.86 -3.86 26.48
C LEU A 547 -3.86 -2.91 27.68
N THR A 548 -2.96 -1.96 27.65
CA THR A 548 -2.79 -0.94 28.68
C THR A 548 -2.73 0.42 28.02
N PRO A 549 -2.96 1.49 28.79
CA PRO A 549 -2.94 2.83 28.17
C PRO A 549 -1.65 3.12 27.43
N LEU A 550 -0.51 2.71 27.98
CA LEU A 550 0.76 2.89 27.29
C LEU A 550 0.76 2.10 25.98
N GLY A 551 0.21 0.89 26.00
CA GLY A 551 0.15 0.10 24.78
C GLY A 551 -0.63 0.81 23.69
N ARG A 552 -1.81 1.34 24.02
CA ARG A 552 -2.61 2.05 23.03
C ARG A 552 -1.87 3.28 22.53
N LEU A 553 -1.30 4.06 23.45
CA LEU A 553 -0.62 5.29 23.05
C LEU A 553 0.53 4.98 22.11
N ALA A 554 1.31 3.95 22.41
CA ALA A 554 2.38 3.54 21.49
C ALA A 554 1.80 3.09 20.16
N SER A 555 0.67 2.37 20.19
CA SER A 555 0.06 1.90 18.97
C SER A 555 -0.34 3.07 18.06
N GLN A 556 -0.68 4.21 18.65
CA GLN A 556 -1.10 5.35 17.83
C GLN A 556 0.00 5.82 16.89
N PHE A 557 1.26 5.68 17.28
CA PHE A 557 2.37 6.20 16.50
C PHE A 557 2.76 5.24 15.38
N PRO A 558 3.37 5.75 14.31
CA PRO A 558 3.88 4.88 13.24
C PRO A 558 5.34 4.46 13.46
N LEU A 559 5.58 3.74 14.56
CA LEU A 559 6.92 3.33 14.93
C LEU A 559 6.88 1.94 15.53
N ASP A 560 8.04 1.30 15.55
CA ASP A 560 8.19 0.04 16.26
C ASP A 560 7.91 0.29 17.74
N PRO A 561 7.04 -0.48 18.38
CA PRO A 561 6.62 -0.14 19.76
C PRO A 561 7.77 0.16 20.70
N MET A 562 8.97 -0.39 20.48
CA MET A 562 10.10 -0.04 21.33
C MET A 562 10.42 1.44 21.23
N LEU A 563 10.60 1.93 20.00
CA LEU A 563 10.90 3.35 19.81
C LEU A 563 9.73 4.23 20.26
N ALA A 564 8.50 3.78 20.04
CA ALA A 564 7.35 4.55 20.48
C ALA A 564 7.32 4.69 21.99
N VAL A 565 7.60 3.60 22.70
CA VAL A 565 7.60 3.64 24.16
C VAL A 565 8.72 4.54 24.66
N MET A 566 9.91 4.45 24.05
CA MET A 566 11.00 5.34 24.43
C MET A 566 10.60 6.80 24.20
N LEU A 567 9.95 7.07 23.07
CA LEU A 567 9.51 8.43 22.77
C LEU A 567 8.53 8.94 23.81
N ILE A 568 7.56 8.11 24.19
CA ILE A 568 6.58 8.52 25.20
C ILE A 568 7.27 8.80 26.52
N GLY A 569 8.19 7.92 26.93
CA GLY A 569 8.82 8.07 28.23
C GLY A 569 9.95 9.09 28.30
N SER A 570 10.44 9.57 27.15
CA SER A 570 11.59 10.46 27.17
C SER A 570 11.31 11.78 27.85
N PHE A 571 10.06 12.22 27.93
CA PHE A 571 9.78 13.54 28.48
C PHE A 571 10.25 13.68 29.92
N GLU A 572 10.41 12.57 30.64
CA GLU A 572 10.81 12.64 32.04
C GLU A 572 12.26 13.04 32.22
N PHE A 573 13.10 12.87 31.21
CA PHE A 573 14.53 13.13 31.32
C PHE A 573 14.92 14.49 30.75
N GLN A 574 13.95 15.33 30.41
CA GLN A 574 14.21 16.71 29.96
C GLN A 574 15.06 16.75 28.69
N CYS A 575 14.95 15.72 27.84
CA CYS A 575 15.65 15.69 26.56
C CYS A 575 14.73 15.11 25.49
N SER A 576 13.48 15.58 25.47
CA SER A 576 12.49 14.97 24.58
C SER A 576 12.78 15.26 23.12
N GLN A 577 13.20 16.48 22.78
CA GLN A 577 13.42 16.83 21.39
C GLN A 577 14.56 16.02 20.79
N GLU A 578 15.64 15.83 21.57
CA GLU A 578 16.75 15.04 21.08
C GLU A 578 16.34 13.60 20.81
N ILE A 579 15.56 13.01 21.71
CA ILE A 579 15.10 11.64 21.51
C ILE A 579 14.16 11.56 20.32
N LEU A 580 13.35 12.59 20.10
CA LEU A 580 12.51 12.65 18.91
C LEU A 580 13.37 12.60 17.66
N THR A 581 14.42 13.42 17.62
CA THR A 581 15.31 13.42 16.46
C THR A 581 15.95 12.06 16.26
N ILE A 582 16.43 11.43 17.35
CA ILE A 582 17.13 10.17 17.22
C ILE A 582 16.17 9.07 16.76
N VAL A 583 14.94 9.07 17.26
CA VAL A 583 13.96 8.08 16.83
C VAL A 583 13.66 8.26 15.35
N ALA A 584 13.46 9.51 14.91
CA ALA A 584 13.21 9.76 13.50
C ALA A 584 14.36 9.26 12.64
N MET A 585 15.60 9.48 13.10
CA MET A 585 16.76 9.02 12.33
C MET A 585 16.90 7.50 12.34
N LEU A 586 16.48 6.84 13.42
CA LEU A 586 16.60 5.40 13.52
C LEU A 586 15.45 4.65 12.85
N SER A 587 14.37 5.34 12.50
CA SER A 587 13.23 4.70 11.85
C SER A 587 13.32 4.70 10.33
N VAL A 588 14.52 4.85 9.78
CA VAL A 588 14.73 4.90 8.32
C VAL A 588 15.97 4.10 7.96
N PRO A 589 16.11 3.74 6.68
CA PRO A 589 17.31 3.01 6.26
C PRO A 589 18.60 3.73 6.64
N ASN A 590 19.73 3.04 6.56
CA ASN A 590 21.00 3.64 6.95
C ASN A 590 21.27 4.90 6.15
N VAL A 591 21.75 5.94 6.85
CA VAL A 591 22.04 7.22 6.21
C VAL A 591 23.48 7.31 5.74
N PHE A 592 24.28 6.25 5.89
CA PHE A 592 25.67 6.24 5.49
C PHE A 592 25.89 5.25 4.36
N ILE A 593 26.71 5.63 3.39
CA ILE A 593 27.11 4.76 2.29
C ILE A 593 28.61 4.51 2.44
N ARG A 594 28.99 3.24 2.49
CA ARG A 594 30.37 2.84 2.77
C ARG A 594 30.84 1.88 1.68
N PRO A 595 31.13 2.39 0.49
CA PRO A 595 31.63 1.52 -0.58
C PRO A 595 33.03 1.00 -0.28
N THR A 596 33.37 -0.10 -0.95
CA THR A 596 34.70 -0.69 -0.75
C THR A 596 35.79 0.30 -1.12
N LYS A 597 35.65 0.99 -2.25
CA LYS A 597 36.60 2.01 -2.64
C LYS A 597 36.27 3.34 -1.95
N ASP A 598 37.30 4.15 -1.75
CA ASP A 598 37.15 5.43 -1.07
C ASP A 598 36.61 5.27 0.35
N LYS A 599 36.88 4.11 0.95
CA LYS A 599 36.35 3.84 2.29
C LYS A 599 36.93 4.81 3.31
N LYS A 600 38.22 5.13 3.20
CA LYS A 600 38.83 6.04 4.16
C LYS A 600 38.21 7.44 4.08
N ARG A 601 37.88 7.89 2.86
CA ARG A 601 37.24 9.18 2.72
C ARG A 601 35.86 9.19 3.39
N ALA A 602 35.10 8.10 3.23
CA ALA A 602 33.82 8.00 3.91
C ALA A 602 34.00 7.99 5.42
N ASP A 603 35.03 7.31 5.91
CA ASP A 603 35.28 7.30 7.34
C ASP A 603 35.59 8.71 7.86
N ASP A 604 36.39 9.46 7.10
CA ASP A 604 36.68 10.84 7.51
C ASP A 604 35.41 11.69 7.49
N ALA A 605 34.57 11.51 6.47
CA ALA A 605 33.32 12.26 6.41
C ALA A 605 32.44 11.94 7.61
N LYS A 606 32.37 10.67 8.00
CA LYS A 606 31.61 10.32 9.19
C LYS A 606 32.22 10.93 10.44
N ASN A 607 33.55 10.86 10.58
CA ASN A 607 34.21 11.39 11.75
C ASN A 607 34.06 12.90 11.86
N ILE A 608 33.77 13.58 10.75
CA ILE A 608 33.45 15.00 10.83
C ILE A 608 32.27 15.21 11.77
N PHE A 609 31.26 14.35 11.69
CA PHE A 609 30.10 14.42 12.57
C PHE A 609 30.30 13.66 13.88
N ALA A 610 31.20 12.67 13.89
CA ALA A 610 31.26 11.73 14.99
C ALA A 610 31.50 12.43 16.32
N HIS A 611 30.82 11.95 17.36
CA HIS A 611 31.03 12.40 18.73
C HIS A 611 31.59 11.25 19.53
N PRO A 612 32.76 11.39 20.18
CA PRO A 612 33.40 10.21 20.78
C PRO A 612 32.68 9.66 22.00
N ASP A 613 31.38 9.38 21.85
CA ASP A 613 30.60 8.72 22.89
C ASP A 613 29.70 7.61 22.37
N GLY A 614 29.35 7.61 21.09
CA GLY A 614 28.49 6.57 20.55
C GLY A 614 28.02 6.95 19.17
N ASP A 615 27.44 5.96 18.49
CA ASP A 615 26.94 6.15 17.13
C ASP A 615 25.52 6.70 17.10
N HIS A 616 24.89 6.89 18.26
CA HIS A 616 23.53 7.44 18.31
C HIS A 616 23.55 8.97 18.31
N ILE A 617 24.43 9.58 19.08
CA ILE A 617 24.58 11.03 19.02
C ILE A 617 25.09 11.46 17.66
N THR A 618 25.77 10.58 16.94
CA THR A 618 26.23 10.92 15.59
C THR A 618 25.04 11.17 14.67
N LEU A 619 23.98 10.38 14.80
CA LEU A 619 22.78 10.61 13.98
C LEU A 619 22.15 11.95 14.30
N LEU A 620 22.10 12.32 15.59
CA LEU A 620 21.58 13.62 15.97
C LEU A 620 22.42 14.74 15.37
N ASN A 621 23.75 14.60 15.42
CA ASN A 621 24.61 15.61 14.84
C ASN A 621 24.41 15.72 13.33
N VAL A 622 24.27 14.58 12.66
CA VAL A 622 24.04 14.59 11.21
C VAL A 622 22.75 15.32 10.89
N TYR A 623 21.68 15.02 11.64
CA TYR A 623 20.41 15.70 11.38
C TYR A 623 20.55 17.20 11.62
N HIS A 624 21.22 17.59 12.71
CA HIS A 624 21.34 19.00 13.02
C HIS A 624 22.11 19.72 11.92
N ALA A 625 23.15 19.09 11.38
CA ALA A 625 23.90 19.69 10.29
C ALA A 625 23.17 19.60 8.95
N PHE A 626 22.15 18.77 8.84
CA PHE A 626 21.41 18.65 7.58
C PHE A 626 20.46 19.83 7.37
N LYS A 627 19.83 20.31 8.45
CA LYS A 627 18.89 21.42 8.35
C LYS A 627 19.51 22.77 8.64
N SER A 628 20.82 22.82 8.88
CA SER A 628 21.49 24.09 9.11
C SER A 628 21.47 24.94 7.85
N ASP A 629 21.28 26.25 8.02
CA ASP A 629 21.18 27.15 6.88
C ASP A 629 22.46 27.13 6.04
N GLU A 630 23.59 26.84 6.66
CA GLU A 630 24.85 26.80 5.92
C GLU A 630 24.80 25.73 4.82
N ALA A 631 24.25 24.56 5.15
CA ALA A 631 24.11 23.51 4.15
C ALA A 631 23.21 23.96 3.01
N TYR A 632 22.09 24.61 3.34
CA TYR A 632 21.18 25.09 2.29
C TYR A 632 21.89 26.08 1.37
N GLU A 633 22.66 27.00 1.94
CA GLU A 633 23.42 27.93 1.11
C GLU A 633 24.41 27.18 0.24
N TYR A 634 25.10 26.19 0.80
CA TYR A 634 26.06 25.41 0.03
C TYR A 634 25.37 24.62 -1.08
N GLY A 635 24.16 24.13 -0.82
CA GLY A 635 23.47 23.26 -1.74
C GLY A 635 23.22 21.90 -1.12
N ILE A 636 21.95 21.58 -0.85
CA ILE A 636 21.64 20.40 -0.05
C ILE A 636 22.10 19.13 -0.77
N HIS A 637 21.81 19.03 -2.07
CA HIS A 637 22.16 17.82 -2.81
C HIS A 637 23.67 17.64 -2.89
N LYS A 638 24.40 18.71 -3.20
CA LYS A 638 25.85 18.62 -3.29
C LYS A 638 26.45 18.26 -1.94
N TRP A 639 25.97 18.89 -0.86
CA TRP A 639 26.49 18.59 0.46
C TRP A 639 26.25 17.14 0.84
N CYS A 640 25.05 16.63 0.55
CA CYS A 640 24.75 15.24 0.85
C CYS A 640 25.64 14.30 0.05
N ARG A 641 25.83 14.59 -1.24
CA ARG A 641 26.64 13.70 -2.06
C ARG A 641 28.10 13.70 -1.62
N ASP A 642 28.64 14.87 -1.29
CA ASP A 642 30.07 14.96 -0.97
C ASP A 642 30.40 14.22 0.31
N HIS A 643 29.57 14.39 1.34
CA HIS A 643 29.86 13.83 2.66
C HIS A 643 29.47 12.35 2.78
N TYR A 644 29.11 11.70 1.67
CA TYR A 644 28.72 10.29 1.67
C TYR A 644 27.51 10.08 2.59
N LEU A 645 26.44 10.79 2.26
CA LEU A 645 25.17 10.68 2.99
C LEU A 645 24.06 10.39 2.01
N ASN A 646 23.03 9.69 2.50
CA ASN A 646 21.88 9.33 1.69
C ASN A 646 20.82 10.42 1.85
N TYR A 647 20.65 11.24 0.83
CA TYR A 647 19.70 12.35 0.93
C TYR A 647 18.26 11.84 1.08
N ARG A 648 17.92 10.75 0.39
CA ARG A 648 16.58 10.22 0.48
C ARG A 648 16.23 9.82 1.91
N SER A 649 17.17 9.14 2.58
CA SER A 649 16.92 8.70 3.95
C SER A 649 16.74 9.90 4.88
N LEU A 650 17.55 10.94 4.71
CA LEU A 650 17.42 12.10 5.58
C LEU A 650 16.13 12.86 5.32
N SER A 651 15.71 12.95 4.05
CA SER A 651 14.42 13.58 3.77
C SER A 651 13.28 12.78 4.41
N ALA A 652 13.34 11.45 4.31
CA ALA A 652 12.34 10.62 4.97
C ALA A 652 12.37 10.84 6.47
N ALA A 653 13.57 10.96 7.05
CA ALA A 653 13.68 11.17 8.48
C ALA A 653 13.05 12.50 8.88
N ASP A 654 13.26 13.55 8.09
CA ASP A 654 12.64 14.84 8.41
C ASP A 654 11.13 14.75 8.31
N ASN A 655 10.61 14.05 7.29
CA ASN A 655 9.17 13.88 7.17
C ASN A 655 8.61 13.15 8.39
N ILE A 656 9.28 12.07 8.80
CA ILE A 656 8.81 11.30 9.95
C ILE A 656 8.88 12.15 11.22
N ARG A 657 9.93 12.96 11.35
CA ARG A 657 10.04 13.81 12.53
C ARG A 657 8.92 14.83 12.59
N SER A 658 8.59 15.45 11.46
CA SER A 658 7.49 16.40 11.44
C SER A 658 6.17 15.72 11.77
N GLN A 659 5.94 14.53 11.20
CA GLN A 659 4.72 13.79 11.51
C GLN A 659 4.66 13.44 13.00
N LEU A 660 5.79 13.03 13.56
CA LEU A 660 5.83 12.70 14.98
C LEU A 660 5.55 13.91 15.84
N GLU A 661 6.10 15.08 15.48
CA GLU A 661 5.82 16.29 16.23
C GLU A 661 4.33 16.63 16.19
N ARG A 662 3.74 16.55 15.00
CA ARG A 662 2.30 16.81 14.88
C ARG A 662 1.50 15.86 15.76
N LEU A 663 1.83 14.57 15.69
CA LEU A 663 1.07 13.58 16.44
C LEU A 663 1.25 13.77 17.94
N MET A 664 2.47 14.11 18.38
CA MET A 664 2.69 14.40 19.79
C MET A 664 1.86 15.59 20.25
N ASN A 665 1.80 16.64 19.42
CA ASN A 665 0.95 17.77 19.75
C ASN A 665 -0.51 17.36 19.82
N ARG A 666 -0.92 16.40 18.98
CA ARG A 666 -2.32 15.99 18.95
C ARG A 666 -2.76 15.39 20.27
N TYR A 667 -1.94 14.54 20.88
CA TYR A 667 -2.31 13.83 22.10
C TYR A 667 -1.91 14.57 23.36
N ASN A 668 -1.34 15.77 23.25
CA ASN A 668 -0.93 16.56 24.41
C ASN A 668 0.09 15.78 25.27
N LEU A 669 1.24 15.51 24.66
CA LEU A 669 2.36 14.87 25.33
C LEU A 669 3.43 15.91 25.58
N GLU A 670 3.96 15.93 26.81
CA GLU A 670 4.90 16.97 27.20
C GLU A 670 6.15 16.93 26.32
N LEU A 671 6.58 18.11 25.87
CA LEU A 671 7.81 18.26 25.10
C LEU A 671 8.66 19.33 25.75
N ASN A 672 9.97 19.10 25.78
CA ASN A 672 10.89 20.04 26.39
C ASN A 672 12.31 19.72 25.91
N THR A 673 13.27 20.54 26.33
CA THR A 673 14.66 20.32 25.98
C THR A 673 15.54 21.00 27.00
N THR A 674 16.79 20.56 27.06
CA THR A 674 17.80 21.13 27.94
C THR A 674 18.74 22.03 27.14
N ASP A 675 19.18 23.10 27.77
CA ASP A 675 20.08 24.04 27.11
C ASP A 675 21.34 23.31 26.63
N TYR A 676 21.78 23.66 25.42
CA TYR A 676 22.93 22.98 24.83
C TYR A 676 24.16 23.14 25.72
N GLU A 677 24.41 24.35 26.21
CA GLU A 677 25.62 24.61 26.98
C GLU A 677 25.65 23.86 28.32
N SER A 678 24.52 23.33 28.78
CA SER A 678 24.51 22.64 30.05
C SER A 678 25.40 21.41 29.99
N PRO A 679 26.20 21.13 31.03
CA PRO A 679 27.06 19.94 30.97
C PRO A 679 26.29 18.62 30.94
N LYS A 680 25.02 18.61 31.35
CA LYS A 680 24.25 17.38 31.46
C LYS A 680 23.45 17.07 30.20
N TYR A 681 23.70 17.79 29.10
CA TYR A 681 22.93 17.56 27.88
C TYR A 681 23.14 16.15 27.37
N PHE A 682 24.39 15.73 27.19
CA PHE A 682 24.67 14.38 26.73
C PHE A 682 24.33 13.35 27.80
N ASP A 683 24.53 13.69 29.08
CA ASP A 683 24.10 12.78 30.13
C ASP A 683 22.60 12.55 30.06
N ASN A 684 21.83 13.61 29.84
CA ASN A 684 20.37 13.45 29.71
C ASN A 684 20.03 12.59 28.50
N ILE A 685 20.67 12.85 27.36
CA ILE A 685 20.33 12.09 26.16
C ILE A 685 20.65 10.62 26.34
N ARG A 686 21.80 10.31 26.94
CA ARG A 686 22.17 8.90 27.15
C ARG A 686 21.28 8.25 28.19
N LYS A 687 20.88 8.99 29.23
CA LYS A 687 19.97 8.44 30.22
C LYS A 687 18.65 8.06 29.58
N ALA A 688 18.10 8.95 28.75
CA ALA A 688 16.83 8.65 28.09
C ALA A 688 16.99 7.54 27.06
N LEU A 689 18.16 7.44 26.44
CA LEU A 689 18.37 6.43 25.41
C LEU A 689 18.58 5.04 26.00
N ALA A 690 19.17 4.95 27.19
CA ALA A 690 19.39 3.65 27.81
C ALA A 690 18.11 3.05 28.34
N SER A 691 17.15 3.88 28.74
CA SER A 691 15.88 3.38 29.24
C SER A 691 15.00 2.79 28.14
N GLY A 692 15.35 3.00 26.88
CA GLY A 692 14.56 2.48 25.77
C GLY A 692 15.16 1.23 25.17
N PHE A 693 16.48 1.19 25.08
CA PHE A 693 17.20 0.06 24.48
C PHE A 693 17.71 -0.92 25.52
N PHE A 694 17.09 -0.95 26.71
CA PHE A 694 17.53 -1.87 27.74
C PHE A 694 17.45 -3.32 27.30
N MET A 695 16.62 -3.61 26.30
CA MET A 695 16.48 -4.98 25.81
C MET A 695 17.71 -5.45 25.03
N GLN A 696 18.61 -4.55 24.66
CA GLN A 696 19.78 -4.86 23.84
C GLN A 696 21.00 -4.22 24.47
N VAL A 697 21.66 -4.94 25.36
CA VAL A 697 22.84 -4.45 26.07
C VAL A 697 23.92 -5.52 26.00
N ALA A 698 25.14 -5.10 25.68
CA ALA A 698 26.28 -5.99 25.62
C ALA A 698 27.36 -5.49 26.57
N LYS A 699 28.11 -6.42 27.14
CA LYS A 699 29.16 -6.12 28.10
C LYS A 699 30.52 -6.44 27.51
N LYS A 700 31.50 -5.60 27.84
CA LYS A 700 32.86 -5.82 27.35
C LYS A 700 33.46 -7.07 27.99
N ARG A 701 33.92 -7.98 27.15
CA ARG A 701 34.50 -9.22 27.65
C ARG A 701 35.85 -8.96 28.30
N SER A 702 36.25 -9.88 29.19
CA SER A 702 37.54 -9.76 29.85
C SER A 702 38.68 -9.82 28.84
N GLY A 703 38.59 -10.71 27.87
CA GLY A 703 39.61 -10.82 26.84
C GLY A 703 40.96 -11.25 27.39
N GLY A 706 34.72 -10.12 21.48
CA GLY A 706 35.06 -8.92 22.21
C GLY A 706 33.99 -8.54 23.22
N TYR A 707 32.73 -8.65 22.81
CA TYR A 707 31.60 -8.32 23.66
C TYR A 707 30.65 -9.50 23.74
N ILE A 708 29.95 -9.60 24.87
CA ILE A 708 28.97 -10.65 25.10
C ILE A 708 27.63 -9.98 25.38
N THR A 709 26.61 -10.39 24.64
CA THR A 709 25.28 -9.82 24.79
C THR A 709 24.62 -10.30 26.06
N VAL A 710 23.86 -9.41 26.71
CA VAL A 710 23.11 -9.79 27.89
C VAL A 710 21.99 -10.74 27.52
N LYS A 711 21.35 -10.52 26.38
CA LYS A 711 20.26 -11.36 25.90
C LYS A 711 20.80 -12.35 24.88
N ASP A 712 20.59 -13.64 25.13
CA ASP A 712 20.95 -14.77 24.28
C ASP A 712 22.44 -15.08 24.35
N ASN A 713 23.25 -14.27 25.03
CA ASN A 713 24.68 -14.54 25.21
C ASN A 713 25.34 -14.94 23.88
N GLN A 714 25.31 -13.99 22.94
CA GLN A 714 25.94 -14.17 21.63
C GLN A 714 27.30 -13.49 21.62
N ASP A 715 28.30 -14.18 21.07
CA ASP A 715 29.63 -13.62 20.95
C ASP A 715 29.68 -12.70 19.73
N VAL A 716 29.96 -11.42 19.97
CA VAL A 716 29.90 -10.39 18.93
C VAL A 716 31.13 -9.50 19.03
N LEU A 717 31.39 -8.80 17.92
CA LEU A 717 32.52 -7.87 17.82
C LEU A 717 32.00 -6.54 17.31
N ILE A 718 32.42 -5.44 17.95
CA ILE A 718 32.00 -4.12 17.50
C ILE A 718 32.33 -3.99 16.01
N HIS A 719 31.42 -3.41 15.26
CA HIS A 719 31.61 -3.28 13.83
C HIS A 719 32.77 -2.32 13.54
N PRO A 720 33.52 -2.56 12.45
CA PRO A 720 34.61 -1.62 12.13
C PRO A 720 34.13 -0.20 11.89
N SER A 721 32.91 -0.02 11.38
CA SER A 721 32.34 1.31 11.15
C SER A 721 31.70 1.76 12.46
N THR A 722 32.54 2.25 13.36
CA THR A 722 32.11 2.72 14.67
C THR A 722 32.91 3.93 15.06
N VAL A 723 32.36 4.70 16.00
CA VAL A 723 33.01 5.90 16.50
C VAL A 723 33.25 5.82 18.01
N LEU A 724 33.31 4.61 18.55
CA LEU A 724 33.60 4.45 19.97
C LEU A 724 35.02 4.91 20.27
N GLY A 725 35.17 5.69 21.34
CA GLY A 725 36.46 6.26 21.69
C GLY A 725 37.19 5.49 22.77
N HIS A 726 36.48 5.13 23.83
CA HIS A 726 37.07 4.44 24.98
C HIS A 726 36.60 2.99 25.02
N ASP A 727 37.01 2.30 26.08
CA ASP A 727 36.68 0.87 26.19
C ASP A 727 35.18 0.63 26.14
N ALA A 728 34.40 1.49 26.79
CA ALA A 728 32.94 1.39 26.78
C ALA A 728 32.50 0.03 27.34
N GLU A 729 32.75 -0.13 28.64
CA GLU A 729 32.47 -1.40 29.30
C GLU A 729 31.05 -1.88 29.03
N TRP A 730 30.08 -0.98 29.04
CA TRP A 730 28.70 -1.31 28.76
C TRP A 730 28.24 -0.54 27.53
N VAL A 731 27.74 -1.26 26.52
CA VAL A 731 27.39 -0.67 25.24
C VAL A 731 25.97 -1.07 24.86
N ILE A 732 25.32 -0.23 24.07
CA ILE A 732 23.95 -0.43 23.61
C ILE A 732 24.00 -0.54 22.09
N TYR A 733 23.51 -1.66 21.57
CA TYR A 733 23.55 -1.93 20.14
C TYR A 733 22.13 -2.01 19.58
N ASN A 734 21.95 -1.47 18.37
CA ASN A 734 20.66 -1.43 17.72
C ASN A 734 20.48 -2.50 16.65
N GLU A 735 21.53 -2.79 15.90
CA GLU A 735 21.45 -3.71 14.76
C GLU A 735 22.43 -4.85 14.96
N PHE A 736 22.07 -6.02 14.44
CA PHE A 736 22.90 -7.21 14.50
C PHE A 736 23.27 -7.61 13.07
N VAL A 737 24.56 -7.74 12.82
CA VAL A 737 25.08 -8.10 11.49
C VAL A 737 25.64 -9.51 11.58
N LEU A 738 25.14 -10.40 10.74
CA LEU A 738 25.53 -11.80 10.76
C LEU A 738 26.49 -12.07 9.60
N THR A 739 27.72 -12.44 9.93
CA THR A 739 28.71 -12.86 8.96
C THR A 739 29.49 -14.01 9.57
N SER A 740 30.64 -14.35 8.99
CA SER A 740 31.49 -15.37 9.58
C SER A 740 31.80 -15.04 11.03
N LYS A 741 31.99 -13.76 11.33
CA LYS A 741 32.14 -13.28 12.69
C LYS A 741 31.00 -12.31 12.99
N ASN A 742 30.29 -12.55 14.07
CA ASN A 742 29.14 -11.72 14.41
C ASN A 742 29.59 -10.30 14.72
N TYR A 743 28.73 -9.34 14.38
CA TYR A 743 29.00 -7.94 14.62
C TYR A 743 27.76 -7.27 15.19
N ILE A 744 27.97 -6.15 15.87
CA ILE A 744 26.89 -5.28 16.33
C ILE A 744 27.17 -3.88 15.81
N ARG A 745 26.15 -3.24 15.25
CA ARG A 745 26.29 -1.97 14.56
C ARG A 745 25.46 -0.90 15.26
N THR A 746 25.87 0.36 15.09
CA THR A 746 25.20 1.48 15.72
C THR A 746 25.25 1.37 17.24
N VAL A 747 26.47 1.34 17.76
CA VAL A 747 26.71 1.08 19.16
C VAL A 747 26.99 2.41 19.87
N THR A 748 26.71 2.44 21.17
CA THR A 748 26.98 3.60 22.00
C THR A 748 27.22 3.13 23.43
N SER A 749 28.05 3.89 24.16
CA SER A 749 28.40 3.53 25.51
C SER A 749 27.30 3.97 26.49
N VAL A 750 27.37 3.42 27.70
CA VAL A 750 26.40 3.75 28.74
C VAL A 750 26.98 3.31 30.07
N ARG A 751 26.76 4.13 31.10
CA ARG A 751 27.24 3.82 32.44
C ARG A 751 26.33 2.77 33.09
N PRO A 752 26.90 1.86 33.89
CA PRO A 752 26.05 0.78 34.45
C PRO A 752 24.92 1.29 35.32
N GLU A 753 25.16 2.37 36.07
CA GLU A 753 24.13 2.85 37.00
C GLU A 753 22.86 3.24 36.27
N TRP A 754 22.96 3.66 35.01
CA TRP A 754 21.79 4.08 34.25
C TRP A 754 20.90 2.91 33.82
N LEU A 755 21.38 1.68 33.96
CA LEU A 755 20.61 0.52 33.53
C LEU A 755 20.05 -0.24 34.73
N TRP B 353 11.24 8.32 -31.62
CA TRP B 353 11.63 6.94 -31.91
C TRP B 353 13.02 6.64 -31.38
N GLY B 354 13.46 5.40 -31.57
CA GLY B 354 14.77 4.99 -31.11
C GLY B 354 14.78 3.61 -30.49
N ILE B 355 13.63 2.96 -30.43
CA ILE B 355 13.49 1.64 -29.83
C ILE B 355 12.95 0.67 -30.87
N HIS B 356 13.57 -0.51 -30.92
CA HIS B 356 13.14 -1.59 -31.81
C HIS B 356 12.76 -2.79 -30.97
N PHE B 357 11.75 -3.52 -31.45
CA PHE B 357 11.15 -4.61 -30.70
C PHE B 357 11.24 -5.91 -31.47
N VAL B 358 11.23 -7.02 -30.73
CA VAL B 358 11.25 -8.36 -31.28
C VAL B 358 9.98 -9.08 -30.84
N LYS B 359 9.26 -9.65 -31.80
CA LYS B 359 7.99 -10.30 -31.50
C LYS B 359 8.21 -11.48 -30.56
N GLY B 360 7.18 -11.77 -29.76
CA GLY B 360 7.23 -12.83 -28.78
C GLY B 360 6.04 -13.76 -28.92
N GLU B 361 5.67 -14.36 -27.79
CA GLU B 361 4.56 -15.32 -27.76
C GLU B 361 3.21 -14.60 -27.74
N VAL B 362 2.16 -15.36 -28.01
CA VAL B 362 0.81 -14.84 -28.09
C VAL B 362 -0.03 -15.48 -26.98
N LEU B 363 -0.84 -14.68 -26.31
CA LEU B 363 -1.73 -15.16 -25.27
C LEU B 363 -3.06 -15.54 -25.88
N ALA B 364 -3.41 -16.83 -25.80
CA ALA B 364 -4.59 -17.33 -26.46
C ALA B 364 -5.85 -16.75 -25.83
N SER B 365 -6.94 -16.78 -26.61
CA SER B 365 -8.22 -16.27 -26.12
C SER B 365 -8.73 -17.15 -24.99
N THR B 366 -9.40 -16.51 -24.03
CA THR B 366 -9.95 -17.20 -22.88
C THR B 366 -11.40 -17.64 -23.09
N TRP B 367 -12.01 -17.30 -24.22
CA TRP B 367 -13.39 -17.65 -24.49
C TRP B 367 -13.58 -19.16 -24.44
#